data_8HBR
#
_entry.id   8HBR
#
_cell.length_a   55.509
_cell.length_b   109.560
_cell.length_c   69.787
_cell.angle_alpha   90.000
_cell.angle_beta   113.200
_cell.angle_gamma   90.000
#
_symmetry.space_group_name_H-M   'P 1 21 1'
#
loop_
_entity.id
_entity.type
_entity.pdbx_description
1 polymer 'TOG domain-containing protein'
2 water water
#
_entity_poly.entity_id   1
_entity_poly.type   'polypeptide(L)'
_entity_poly.pdbx_seq_one_letter_code
;GSH(MSE)LWSQA(MSE)ESVRASDFDLAYADILGSNDELLLVRL(MSE)SRTGPVLEQLSDATLTHL(MSE)GNLKHFL
QQQSFLECVIPWIQQVADLVLSNGPNALGLTGDSKKDLVFALQEAAS(MSE)DHAQSW(MSE)AAKIVELAEQLRSAWL
;
_entity_poly.pdbx_strand_id   A,B,C,D,E,F
#
# COMPACT_ATOMS: atom_id res chain seq x y z
N HIS A 3 -36.71 10.89 2.84
CA HIS A 3 -35.72 10.89 3.94
C HIS A 3 -36.28 10.23 5.19
N LEU A 5 -36.55 6.98 6.08
CA LEU A 5 -35.61 5.94 6.50
C LEU A 5 -34.30 6.56 7.01
N TRP A 6 -33.88 7.66 6.38
CA TRP A 6 -32.69 8.35 6.79
C TRP A 6 -32.79 8.86 8.21
N SER A 7 -33.92 9.55 8.50
CA SER A 7 -34.16 10.11 9.84
C SER A 7 -34.18 9.00 10.88
N GLN A 8 -34.82 7.89 10.55
CA GLN A 8 -34.92 6.74 11.43
C GLN A 8 -33.51 6.18 11.70
N ALA A 9 -32.67 6.09 10.66
CA ALA A 9 -31.31 5.59 10.81
C ALA A 9 -30.49 6.51 11.70
N GLU A 11 -31.57 8.52 13.99
CA GLU A 11 -32.03 8.34 15.36
C GLU A 11 -31.33 7.15 16.00
N SER A 12 -31.31 5.98 15.30
CA SER A 12 -30.60 4.83 15.86
C SER A 12 -29.10 5.12 16.03
N VAL A 13 -28.50 5.85 15.08
CA VAL A 13 -27.09 6.21 15.17
C VAL A 13 -26.85 7.09 16.39
N ARG A 14 -27.70 8.09 16.61
CA ARG A 14 -27.55 8.94 17.79
C ARG A 14 -27.65 8.10 19.06
N ALA A 15 -28.50 7.05 19.06
CA ALA A 15 -28.62 6.16 20.22
C ALA A 15 -27.48 5.15 20.29
N SER A 16 -26.47 5.25 19.40
CA SER A 16 -25.42 4.25 19.29
C SER A 16 -25.94 2.84 18.96
N ASP A 17 -27.12 2.75 18.33
CA ASP A 17 -27.64 1.45 17.92
C ASP A 17 -27.37 1.26 16.43
N PHE A 18 -26.10 0.97 16.12
CA PHE A 18 -25.66 0.82 14.73
C PHE A 18 -26.28 -0.41 14.11
N ASP A 19 -26.47 -1.46 14.94
CA ASP A 19 -27.01 -2.71 14.45
C ASP A 19 -28.39 -2.49 13.82
N LEU A 20 -29.21 -1.65 14.47
CA LEU A 20 -30.54 -1.39 13.99
C LEU A 20 -30.53 -0.42 12.80
N ALA A 21 -29.68 0.60 12.86
CA ALA A 21 -29.56 1.51 11.72
C ALA A 21 -29.23 0.72 10.47
N TYR A 22 -28.24 -0.20 10.57
CA TYR A 22 -27.83 -1.00 9.40
C TYR A 22 -28.92 -1.99 8.98
N ALA A 23 -29.50 -2.71 9.95
CA ALA A 23 -30.53 -3.71 9.61
C ALA A 23 -31.68 -3.03 8.90
N ASP A 24 -32.09 -1.85 9.40
CA ASP A 24 -33.17 -1.13 8.74
C ASP A 24 -32.76 -0.68 7.34
N ILE A 25 -31.57 -0.10 7.19
CA ILE A 25 -31.20 0.44 5.90
C ILE A 25 -30.97 -0.70 4.91
N LEU A 26 -30.32 -1.79 5.37
CA LEU A 26 -30.07 -2.95 4.52
C LEU A 26 -31.39 -3.59 4.08
N GLY A 27 -32.31 -3.69 5.04
CA GLY A 27 -33.65 -4.24 4.81
C GLY A 27 -34.42 -3.46 3.74
N SER A 28 -34.10 -2.19 3.56
CA SER A 28 -34.76 -1.35 2.55
C SER A 28 -34.30 -1.66 1.12
N ASN A 29 -33.11 -2.25 0.96
CA ASN A 29 -32.49 -2.49 -0.35
C ASN A 29 -32.23 -1.22 -1.14
N ASP A 30 -32.16 -0.09 -0.44
CA ASP A 30 -31.85 1.17 -1.10
C ASP A 30 -30.34 1.35 -1.01
N GLU A 31 -29.70 1.37 -2.18
CA GLU A 31 -28.26 1.37 -2.30
C GLU A 31 -27.70 2.73 -1.86
N LEU A 32 -28.40 3.80 -2.26
CA LEU A 32 -27.99 5.16 -1.96
C LEU A 32 -27.93 5.37 -0.45
N LEU A 33 -28.96 4.88 0.26
CA LEU A 33 -29.05 5.07 1.70
C LEU A 33 -27.95 4.31 2.40
N LEU A 34 -27.65 3.13 1.86
CA LEU A 34 -26.61 2.32 2.47
C LEU A 34 -25.26 3.02 2.37
N VAL A 35 -24.93 3.53 1.18
CA VAL A 35 -23.64 4.18 0.97
C VAL A 35 -23.60 5.46 1.78
N ARG A 36 -24.74 6.16 1.86
CA ARG A 36 -24.78 7.38 2.66
C ARG A 36 -24.55 7.01 4.11
N LEU A 37 -25.23 5.97 4.59
CA LEU A 37 -25.07 5.56 5.98
C LEU A 37 -23.63 5.21 6.27
N SER A 39 -20.86 6.11 4.83
CA SER A 39 -20.00 7.29 4.85
C SER A 39 -20.24 8.11 6.13
N ARG A 40 -21.49 8.13 6.63
CA ARG A 40 -21.80 8.95 7.78
C ARG A 40 -21.28 8.29 9.04
N THR A 41 -21.43 6.98 9.19
CA THR A 41 -20.92 6.32 10.38
C THR A 41 -19.49 5.90 10.09
N GLY A 42 -18.73 5.61 11.12
CA GLY A 42 -17.51 4.92 10.71
C GLY A 42 -17.79 3.65 9.85
N PRO A 43 -16.77 2.90 9.37
CA PRO A 43 -16.80 1.45 9.57
C PRO A 43 -17.11 1.13 11.03
N VAL A 44 -18.16 0.34 11.30
CA VAL A 44 -18.62 0.02 12.65
C VAL A 44 -18.98 -1.47 12.71
N LEU A 45 -18.16 -2.31 12.07
CA LEU A 45 -18.42 -3.73 11.97
C LEU A 45 -18.50 -4.39 13.34
N GLU A 46 -17.79 -3.83 14.32
CA GLU A 46 -17.68 -4.44 15.65
C GLU A 46 -19.01 -4.25 16.41
N GLN A 47 -19.89 -3.38 15.92
CA GLN A 47 -21.11 -3.02 16.64
C GLN A 47 -22.33 -3.61 15.94
N LEU A 48 -22.11 -4.58 15.05
CA LEU A 48 -23.20 -5.18 14.29
C LEU A 48 -23.37 -6.65 14.73
N SER A 49 -24.61 -7.13 14.70
CA SER A 49 -24.89 -8.55 14.87
C SER A 49 -24.36 -9.31 13.66
N ASP A 50 -24.28 -10.63 13.82
CA ASP A 50 -23.70 -11.51 12.81
C ASP A 50 -24.59 -11.56 11.58
N ALA A 51 -25.91 -11.43 11.76
CA ALA A 51 -26.86 -11.44 10.67
C ALA A 51 -26.77 -10.13 9.87
N THR A 52 -26.69 -8.99 10.57
CA THR A 52 -26.52 -7.69 9.93
C THR A 52 -25.20 -7.65 9.14
N LEU A 53 -24.14 -8.14 9.80
CA LEU A 53 -22.81 -8.22 9.24
C LEU A 53 -22.79 -9.01 7.94
N THR A 54 -23.38 -10.21 7.97
CA THR A 54 -23.49 -11.07 6.80
C THR A 54 -24.21 -10.35 5.67
N HIS A 55 -25.34 -9.71 5.98
CA HIS A 55 -26.09 -8.97 4.97
C HIS A 55 -25.20 -7.85 4.39
N LEU A 56 -24.49 -7.12 5.26
CA LEU A 56 -23.65 -6.03 4.80
C LEU A 56 -22.51 -6.55 3.93
N GLY A 58 -22.47 -9.08 1.92
CA GLY A 58 -22.94 -9.36 0.58
C GLY A 58 -22.99 -8.11 -0.28
N ASN A 59 -23.31 -6.99 0.35
CA ASN A 59 -23.30 -5.70 -0.33
C ASN A 59 -21.88 -5.28 -0.70
N LEU A 60 -20.94 -5.39 0.24
CA LEU A 60 -19.56 -5.02 -0.02
C LEU A 60 -18.97 -5.89 -1.13
N LYS A 61 -19.30 -7.20 -1.11
CA LYS A 61 -18.89 -8.12 -2.16
C LYS A 61 -19.39 -7.63 -3.52
N HIS A 62 -20.68 -7.25 -3.57
CA HIS A 62 -21.28 -6.74 -4.79
C HIS A 62 -20.56 -5.46 -5.26
N PHE A 63 -20.28 -4.55 -4.35
CA PHE A 63 -19.58 -3.33 -4.74
C PHE A 63 -18.19 -3.64 -5.31
N LEU A 64 -17.50 -4.65 -4.76
CA LEU A 64 -16.20 -5.04 -5.29
C LEU A 64 -16.34 -5.60 -6.71
N GLN A 65 -17.33 -6.48 -6.92
CA GLN A 65 -17.57 -7.07 -8.23
C GLN A 65 -17.97 -6.02 -9.25
N GLN A 66 -18.58 -4.90 -8.81
CA GLN A 66 -19.03 -3.87 -9.74
C GLN A 66 -18.14 -2.64 -9.76
N GLN A 67 -17.03 -2.63 -8.99
CA GLN A 67 -16.11 -1.48 -8.98
C GLN A 67 -16.84 -0.19 -8.60
N SER A 68 -17.69 -0.26 -7.56
CA SER A 68 -18.56 0.84 -7.20
C SER A 68 -18.15 1.42 -5.85
N PHE A 69 -17.98 2.75 -5.78
CA PHE A 69 -17.87 3.46 -4.50
C PHE A 69 -16.65 2.99 -3.72
N LEU A 70 -15.58 2.54 -4.38
CA LEU A 70 -14.52 1.83 -3.70
C LEU A 70 -13.80 2.77 -2.73
N GLU A 71 -13.77 4.09 -2.99
CA GLU A 71 -13.18 5.02 -2.02
C GLU A 71 -13.92 5.02 -0.68
N CYS A 72 -15.25 4.84 -0.75
CA CYS A 72 -16.16 4.76 0.40
C CYS A 72 -16.14 3.35 1.00
N VAL A 73 -15.87 2.32 0.17
CA VAL A 73 -16.04 0.94 0.58
C VAL A 73 -14.75 0.38 1.19
N ILE A 74 -13.60 0.81 0.68
CA ILE A 74 -12.36 0.10 1.00
C ILE A 74 -12.02 0.27 2.48
N PRO A 75 -12.33 1.40 3.17
CA PRO A 75 -12.11 1.45 4.62
C PRO A 75 -12.87 0.38 5.40
N TRP A 76 -14.00 -0.09 4.86
CA TRP A 76 -14.73 -1.17 5.51
C TRP A 76 -13.96 -2.47 5.43
N ILE A 77 -13.40 -2.79 4.27
CA ILE A 77 -12.57 -3.99 4.15
C ILE A 77 -11.29 -3.84 4.99
N GLN A 78 -10.74 -2.63 5.07
CA GLN A 78 -9.63 -2.36 5.97
C GLN A 78 -10.01 -2.73 7.40
N GLN A 79 -11.23 -2.38 7.83
CA GLN A 79 -11.61 -2.71 9.19
C GLN A 79 -11.78 -4.22 9.36
N VAL A 80 -12.24 -4.92 8.33
CA VAL A 80 -12.29 -6.37 8.42
C VAL A 80 -10.88 -6.88 8.71
N ALA A 81 -9.90 -6.47 7.90
CA ALA A 81 -8.52 -6.93 8.08
C ALA A 81 -7.96 -6.47 9.42
N ASP A 82 -8.20 -5.23 9.83
CA ASP A 82 -7.73 -4.76 11.13
C ASP A 82 -8.27 -5.61 12.28
N LEU A 83 -9.57 -5.91 12.24
CA LEU A 83 -10.19 -6.67 13.32
C LEU A 83 -9.64 -8.09 13.35
N VAL A 84 -9.40 -8.69 12.17
CA VAL A 84 -8.86 -10.04 12.10
C VAL A 84 -7.42 -10.08 12.63
N LEU A 85 -6.60 -9.09 12.30
CA LEU A 85 -5.23 -9.02 12.81
C LEU A 85 -5.23 -8.90 14.32
N SER A 86 -6.11 -8.08 14.90
CA SER A 86 -6.01 -7.74 16.32
C SER A 86 -6.86 -8.66 17.19
N ASN A 87 -7.85 -9.37 16.61
CA ASN A 87 -8.79 -10.16 17.42
C ASN A 87 -8.86 -11.60 16.94
N GLY A 88 -8.12 -11.97 15.87
CA GLY A 88 -8.06 -13.34 15.39
C GLY A 88 -9.02 -13.60 14.23
N PRO A 89 -8.87 -14.74 13.49
CA PRO A 89 -9.66 -15.02 12.28
C PRO A 89 -11.19 -15.06 12.43
N ASN A 90 -11.67 -15.25 13.66
CA ASN A 90 -13.10 -15.40 13.88
C ASN A 90 -13.63 -14.14 14.52
N ALA A 91 -12.82 -13.06 14.53
CA ALA A 91 -13.22 -11.77 15.09
C ALA A 91 -14.61 -11.36 14.62
N LEU A 92 -14.95 -11.67 13.36
CA LEU A 92 -16.22 -11.27 12.79
C LEU A 92 -17.13 -12.47 12.60
N GLY A 93 -16.66 -13.66 13.01
CA GLY A 93 -17.50 -14.84 12.90
C GLY A 93 -18.43 -14.65 11.69
N LEU A 94 -17.82 -14.67 10.51
CA LEU A 94 -18.47 -14.88 9.22
C LEU A 94 -18.42 -16.37 8.89
N THR A 95 -19.26 -16.84 7.97
CA THR A 95 -19.23 -18.22 7.49
C THR A 95 -17.95 -18.46 6.69
N GLY A 96 -17.61 -19.73 6.45
CA GLY A 96 -16.45 -20.07 5.65
C GLY A 96 -16.63 -19.66 4.18
N ASP A 97 -17.88 -19.68 3.69
CA ASP A 97 -18.21 -19.33 2.32
C ASP A 97 -18.07 -17.82 2.11
N SER A 98 -18.62 -17.03 3.04
CA SER A 98 -18.51 -15.58 2.98
C SER A 98 -17.04 -15.16 3.01
N LYS A 99 -16.23 -15.80 3.87
CA LYS A 99 -14.80 -15.55 3.97
C LYS A 99 -14.12 -15.80 2.61
N LYS A 100 -14.38 -16.96 2.02
CA LYS A 100 -13.81 -17.32 0.73
C LYS A 100 -14.31 -16.38 -0.37
N ASP A 101 -15.57 -15.98 -0.30
CA ASP A 101 -16.16 -15.14 -1.34
C ASP A 101 -15.58 -13.73 -1.29
N LEU A 102 -15.36 -13.20 -0.08
CA LEU A 102 -14.78 -11.87 0.06
C LEU A 102 -13.36 -11.84 -0.50
N VAL A 103 -12.56 -12.87 -0.22
CA VAL A 103 -11.20 -12.94 -0.73
C VAL A 103 -11.22 -13.01 -2.26
N PHE A 104 -12.11 -13.85 -2.81
CA PHE A 104 -12.21 -14.01 -4.25
C PHE A 104 -12.64 -12.68 -4.87
N ALA A 105 -13.62 -11.99 -4.27
CA ALA A 105 -14.10 -10.73 -4.81
C ALA A 105 -12.99 -9.67 -4.79
N LEU A 106 -12.12 -9.70 -3.77
CA LEU A 106 -10.98 -8.78 -3.66
C LEU A 106 -9.96 -9.07 -4.75
N GLN A 107 -9.66 -10.36 -4.94
CA GLN A 107 -8.76 -10.80 -6.00
C GLN A 107 -9.23 -10.31 -7.34
N GLU A 108 -10.53 -10.48 -7.63
CA GLU A 108 -11.05 -10.06 -8.93
C GLU A 108 -10.96 -8.54 -9.07
N ALA A 109 -11.23 -7.80 -8.00
CA ALA A 109 -11.19 -6.34 -8.08
C ALA A 109 -9.78 -5.84 -8.29
N ALA A 110 -8.77 -6.63 -7.89
CA ALA A 110 -7.37 -6.24 -8.07
C ALA A 110 -6.95 -6.03 -9.54
N SER A 111 -7.65 -6.70 -10.49
CA SER A 111 -7.34 -6.63 -11.92
C SER A 111 -8.09 -5.52 -12.64
N ASP A 113 -9.37 -1.78 -13.77
CA ASP A 113 -8.72 -0.51 -14.02
C ASP A 113 -9.35 0.53 -13.09
N HIS A 114 -8.63 0.87 -12.02
CA HIS A 114 -9.10 1.77 -11.01
C HIS A 114 -8.56 3.15 -11.32
N ALA A 115 -9.37 4.17 -11.04
CA ALA A 115 -8.98 5.54 -11.27
C ALA A 115 -7.96 5.96 -10.22
N GLN A 116 -8.09 5.40 -9.01
CA GLN A 116 -7.20 5.67 -7.91
C GLN A 116 -5.95 4.81 -8.08
N SER A 117 -4.80 5.45 -8.19
CA SER A 117 -3.53 4.82 -8.47
C SER A 117 -3.11 3.82 -7.38
N TRP A 118 -3.55 4.04 -6.14
CA TRP A 118 -3.19 3.23 -4.99
C TRP A 118 -4.20 2.11 -4.72
N ALA A 120 -5.53 -0.63 -6.43
CA ALA A 120 -5.26 -2.05 -6.73
C ALA A 120 -4.28 -2.63 -5.71
N ALA A 121 -3.29 -1.83 -5.29
CA ALA A 121 -2.29 -2.24 -4.31
C ALA A 121 -2.95 -2.45 -2.95
N LYS A 122 -3.87 -1.53 -2.58
CA LYS A 122 -4.57 -1.72 -1.31
C LYS A 122 -5.44 -2.98 -1.34
N ILE A 123 -6.11 -3.21 -2.46
CA ILE A 123 -6.97 -4.39 -2.60
C ILE A 123 -6.13 -5.65 -2.52
N VAL A 124 -4.95 -5.66 -3.19
CA VAL A 124 -4.10 -6.84 -3.15
C VAL A 124 -3.59 -7.06 -1.73
N GLU A 125 -3.13 -6.00 -1.06
CA GLU A 125 -2.68 -6.18 0.33
C GLU A 125 -3.77 -6.82 1.19
N LEU A 126 -5.00 -6.31 1.10
CA LEU A 126 -6.10 -6.83 1.93
C LEU A 126 -6.43 -8.25 1.51
N ALA A 127 -6.46 -8.53 0.21
CA ALA A 127 -6.72 -9.90 -0.26
C ALA A 127 -5.71 -10.86 0.34
N GLU A 128 -4.43 -10.42 0.42
CA GLU A 128 -3.36 -11.30 0.90
C GLU A 128 -3.45 -11.49 2.41
N GLN A 129 -3.73 -10.42 3.17
CA GLN A 129 -3.92 -10.57 4.61
C GLN A 129 -5.08 -11.50 4.94
N LEU A 130 -6.20 -11.38 4.21
CA LEU A 130 -7.38 -12.15 4.58
C LEU A 130 -7.20 -13.58 4.09
N ARG A 131 -6.52 -13.78 2.96
CA ARG A 131 -6.22 -15.12 2.47
C ARG A 131 -5.34 -15.85 3.47
N SER A 132 -4.28 -15.18 3.92
CA SER A 132 -3.38 -15.71 4.92
C SER A 132 -4.14 -16.10 6.20
N ALA A 133 -5.05 -15.23 6.66
CA ALA A 133 -5.72 -15.43 7.94
C ALA A 133 -6.80 -16.52 7.85
N TRP A 134 -7.33 -16.82 6.66
CA TRP A 134 -8.54 -17.61 6.51
C TRP A 134 -8.39 -18.86 5.62
N LEU A 135 -7.46 -18.88 4.65
CA LEU A 135 -7.51 -19.85 3.55
C LEU A 135 -6.34 -20.84 3.58
N SER B 2 -31.93 3.57 -13.31
CA SER B 2 -30.55 3.15 -12.94
C SER B 2 -29.76 2.88 -14.22
N HIS B 3 -29.84 1.62 -14.68
CA HIS B 3 -28.80 0.94 -15.44
C HIS B 3 -28.68 1.48 -16.87
N LEU B 5 -29.04 4.58 -18.19
CA LEU B 5 -28.28 5.81 -18.20
C LEU B 5 -26.81 5.55 -17.77
N TRP B 6 -26.62 4.57 -16.90
CA TRP B 6 -25.29 4.18 -16.45
C TRP B 6 -24.47 3.70 -17.65
N SER B 7 -25.05 2.78 -18.45
CA SER B 7 -24.35 2.21 -19.59
C SER B 7 -24.04 3.29 -20.61
N GLN B 8 -24.97 4.23 -20.82
CA GLN B 8 -24.76 5.36 -21.71
C GLN B 8 -23.57 6.21 -21.23
N ALA B 9 -23.53 6.48 -19.92
CA ALA B 9 -22.42 7.24 -19.33
C ALA B 9 -21.08 6.50 -19.48
N GLU B 11 -20.30 4.36 -21.76
CA GLU B 11 -19.87 4.46 -23.15
C GLU B 11 -19.14 5.78 -23.38
N SER B 12 -19.70 6.91 -22.93
CA SER B 12 -18.96 8.17 -23.04
C SER B 12 -17.62 8.12 -22.30
N VAL B 13 -17.60 7.49 -21.11
CA VAL B 13 -16.38 7.38 -20.32
C VAL B 13 -15.35 6.57 -21.10
N ARG B 14 -15.75 5.44 -21.69
CA ARG B 14 -14.81 4.64 -22.49
C ARG B 14 -14.25 5.49 -23.64
N ALA B 15 -15.05 6.38 -24.22
CA ALA B 15 -14.60 7.26 -25.28
C ALA B 15 -13.82 8.48 -24.74
N SER B 16 -13.51 8.50 -23.43
CA SER B 16 -12.88 9.63 -22.79
C SER B 16 -13.69 10.94 -22.89
N ASP B 17 -15.01 10.85 -23.07
CA ASP B 17 -15.84 12.05 -23.11
C ASP B 17 -16.51 12.20 -21.74
N PHE B 18 -15.70 12.65 -20.78
CA PHE B 18 -16.12 12.83 -19.40
C PHE B 18 -17.20 13.92 -19.33
N ASP B 19 -17.04 14.95 -20.16
CA ASP B 19 -17.94 16.08 -20.10
C ASP B 19 -19.39 15.62 -20.36
N LEU B 20 -19.58 14.69 -21.30
CA LEU B 20 -20.91 14.23 -21.63
C LEU B 20 -21.42 13.22 -20.62
N ALA B 21 -20.53 12.33 -20.14
CA ALA B 21 -20.93 11.43 -19.07
C ALA B 21 -21.48 12.26 -17.89
N TYR B 22 -20.74 13.28 -17.46
CA TYR B 22 -21.16 14.12 -16.30
C TYR B 22 -22.42 14.91 -16.61
N ALA B 23 -22.49 15.56 -17.79
CA ALA B 23 -23.67 16.35 -18.17
C ALA B 23 -24.91 15.48 -18.15
N ASP B 24 -24.81 14.27 -18.68
CA ASP B 24 -25.95 13.36 -18.68
C ASP B 24 -26.32 12.95 -17.26
N ILE B 25 -25.32 12.56 -16.46
CA ILE B 25 -25.64 12.05 -15.14
C ILE B 25 -26.18 13.19 -14.25
N LEU B 26 -25.58 14.37 -14.36
CA LEU B 26 -25.98 15.53 -13.59
C LEU B 26 -27.39 15.96 -13.96
N GLY B 27 -27.64 15.95 -15.27
CA GLY B 27 -28.95 16.30 -15.83
C GLY B 27 -30.08 15.42 -15.28
N SER B 28 -29.74 14.18 -14.91
CA SER B 28 -30.72 13.23 -14.41
C SER B 28 -31.16 13.53 -12.98
N ASN B 29 -30.34 14.27 -12.21
CA ASN B 29 -30.57 14.53 -10.79
C ASN B 29 -30.60 13.25 -9.96
N ASP B 30 -29.99 12.18 -10.46
CA ASP B 30 -29.89 10.94 -9.70
C ASP B 30 -28.56 10.98 -8.97
N GLU B 31 -28.67 11.03 -7.64
CA GLU B 31 -27.57 11.24 -6.73
C GLU B 31 -26.67 10.01 -6.73
N LEU B 32 -27.30 8.81 -6.72
CA LEU B 32 -26.59 7.55 -6.66
C LEU B 32 -25.67 7.40 -7.87
N LEU B 33 -26.18 7.77 -9.05
CA LEU B 33 -25.44 7.59 -10.27
C LEU B 33 -24.26 8.56 -10.29
N LEU B 34 -24.50 9.76 -9.75
CA LEU B 34 -23.44 10.74 -9.73
C LEU B 34 -22.28 10.25 -8.88
N VAL B 35 -22.59 9.75 -7.69
CA VAL B 35 -21.54 9.31 -6.78
C VAL B 35 -20.85 8.09 -7.36
N ARG B 36 -21.63 7.20 -8.00
CA ARG B 36 -21.05 6.04 -8.63
C ARG B 36 -20.12 6.49 -9.75
N LEU B 37 -20.58 7.43 -10.58
CA LEU B 37 -19.72 7.92 -11.65
C LEU B 37 -18.43 8.51 -11.11
N SER B 39 -16.84 7.96 -8.33
CA SER B 39 -15.96 6.90 -7.83
C SER B 39 -15.32 6.10 -8.99
N ARG B 40 -16.07 5.94 -10.09
CA ARG B 40 -15.57 5.14 -11.20
C ARG B 40 -14.51 5.89 -11.97
N THR B 41 -14.73 7.19 -12.22
CA THR B 41 -13.75 7.95 -12.96
C THR B 41 -12.79 8.56 -11.96
N GLY B 42 -11.65 9.00 -12.43
CA GLY B 42 -10.99 9.86 -11.43
C GLY B 42 -11.87 11.02 -10.89
N PRO B 43 -11.42 11.88 -9.96
CA PRO B 43 -11.54 13.32 -10.20
C PRO B 43 -11.02 13.66 -11.60
N VAL B 44 -11.87 14.31 -12.43
CA VAL B 44 -11.56 14.63 -13.83
C VAL B 44 -12.05 16.04 -14.14
N LEU B 45 -11.86 16.97 -13.20
CA LEU B 45 -12.38 18.31 -13.32
C LEU B 45 -11.85 19.02 -14.58
N GLU B 46 -10.63 18.69 -14.98
CA GLU B 46 -9.91 19.37 -16.04
C GLU B 46 -10.54 18.99 -17.39
N GLN B 47 -11.38 17.96 -17.43
CA GLN B 47 -11.92 17.43 -18.67
C GLN B 47 -13.39 17.77 -18.80
N LEU B 48 -13.87 18.74 -18.02
CA LEU B 48 -15.27 19.14 -18.02
C LEU B 48 -15.38 20.55 -18.57
N SER B 49 -16.47 20.83 -19.30
CA SER B 49 -16.82 22.19 -19.68
C SER B 49 -17.21 23.00 -18.42
N ASP B 50 -17.27 24.31 -18.60
CA ASP B 50 -17.49 25.24 -17.49
C ASP B 50 -18.91 25.09 -16.95
N ALA B 51 -19.86 24.74 -17.82
CA ALA B 51 -21.25 24.55 -17.44
C ALA B 51 -21.40 23.25 -16.62
N THR B 52 -20.76 22.17 -17.09
CA THR B 52 -20.75 20.88 -16.39
C THR B 52 -20.09 21.02 -15.02
N LEU B 53 -18.94 21.72 -15.02
CA LEU B 53 -18.16 21.98 -13.84
C LEU B 53 -18.98 22.72 -12.78
N THR B 54 -19.63 23.81 -13.20
CA THR B 54 -20.51 24.59 -12.33
C THR B 54 -21.61 23.71 -11.73
N HIS B 55 -22.25 22.90 -12.58
CA HIS B 55 -23.28 22.00 -12.11
C HIS B 55 -22.70 21.01 -11.08
N LEU B 56 -21.52 20.46 -11.36
CA LEU B 56 -20.92 19.48 -10.47
C LEU B 56 -20.53 20.15 -9.16
N GLY B 58 -22.02 22.56 -7.63
CA GLY B 58 -23.21 22.75 -6.79
C GLY B 58 -23.53 21.47 -6.01
N ASN B 59 -23.29 20.33 -6.64
CA ASN B 59 -23.43 19.03 -6.01
C ASN B 59 -22.40 18.86 -4.89
N LEU B 60 -21.13 19.15 -5.17
CA LEU B 60 -20.07 18.98 -4.19
C LEU B 60 -20.32 19.88 -2.98
N LYS B 61 -20.77 21.11 -3.23
CA LYS B 61 -21.15 22.06 -2.18
C LYS B 61 -22.25 21.45 -1.31
N HIS B 62 -23.27 20.87 -1.96
CA HIS B 62 -24.38 20.25 -1.24
C HIS B 62 -23.86 19.10 -0.39
N PHE B 63 -23.00 18.26 -0.95
CA PHE B 63 -22.49 17.14 -0.17
C PHE B 63 -21.73 17.63 1.05
N LEU B 64 -20.96 18.71 0.92
CA LEU B 64 -20.22 19.25 2.06
C LEU B 64 -21.20 19.77 3.12
N GLN B 65 -22.24 20.50 2.72
CA GLN B 65 -23.22 21.06 3.65
C GLN B 65 -23.98 19.94 4.36
N GLN B 66 -24.14 18.78 3.70
CA GLN B 66 -24.93 17.70 4.30
C GLN B 66 -24.08 16.56 4.84
N GLN B 67 -22.74 16.68 4.80
CA GLN B 67 -21.88 15.64 5.34
C GLN B 67 -22.12 14.30 4.65
N SER B 68 -22.26 14.29 3.31
CA SER B 68 -22.63 13.07 2.59
C SER B 68 -21.46 12.60 1.71
N PHE B 69 -21.08 11.33 1.81
CA PHE B 69 -20.19 10.67 0.86
C PHE B 69 -18.82 11.34 0.86
N LEU B 70 -18.38 11.92 1.98
CA LEU B 70 -17.22 12.79 1.96
C LEU B 70 -15.98 11.98 1.64
N GLU B 71 -15.92 10.67 1.95
CA GLU B 71 -14.76 9.88 1.52
C GLU B 71 -14.62 9.81 0.00
N CYS B 72 -15.77 9.79 -0.70
CA CYS B 72 -15.83 9.78 -2.16
C CYS B 72 -15.66 11.19 -2.73
N VAL B 73 -16.04 12.22 -1.95
CA VAL B 73 -16.09 13.58 -2.46
C VAL B 73 -14.76 14.29 -2.23
N ILE B 74 -14.05 13.97 -1.15
CA ILE B 74 -12.98 14.87 -0.73
C ILE B 74 -11.82 14.82 -1.72
N PRO B 75 -11.52 13.69 -2.41
CA PRO B 75 -10.49 13.73 -3.46
C PRO B 75 -10.82 14.69 -4.60
N TRP B 76 -12.11 14.99 -4.81
CA TRP B 76 -12.49 16.00 -5.80
C TRP B 76 -12.06 17.37 -5.37
N ILE B 77 -12.29 17.73 -4.10
CA ILE B 77 -11.81 19.02 -3.59
C ILE B 77 -10.28 19.06 -3.57
N GLN B 78 -9.64 17.91 -3.28
CA GLN B 78 -8.18 17.85 -3.37
C GLN B 78 -7.74 18.20 -4.80
N GLN B 79 -8.46 17.70 -5.81
CA GLN B 79 -8.08 18.00 -7.17
C GLN B 79 -8.31 19.47 -7.50
N VAL B 80 -9.35 20.09 -6.93
CA VAL B 80 -9.51 21.51 -7.13
C VAL B 80 -8.24 22.20 -6.64
N ALA B 81 -7.82 21.91 -5.39
CA ALA B 81 -6.65 22.55 -4.80
C ALA B 81 -5.39 22.23 -5.60
N ASP B 82 -5.19 20.95 -6.00
CA ASP B 82 -4.05 20.60 -6.80
C ASP B 82 -3.98 21.38 -8.13
N LEU B 83 -5.12 21.47 -8.83
CA LEU B 83 -5.16 22.17 -10.12
C LEU B 83 -4.87 23.66 -9.94
N VAL B 84 -5.38 24.26 -8.85
CA VAL B 84 -5.13 25.66 -8.56
C VAL B 84 -3.64 25.93 -8.25
N LEU B 85 -3.01 25.04 -7.48
CA LEU B 85 -1.58 25.15 -7.20
C LEU B 85 -0.76 25.07 -8.48
N SER B 86 -1.09 24.14 -9.40
CA SER B 86 -0.22 23.88 -10.53
C SER B 86 -0.57 24.72 -11.75
N ASN B 87 -1.80 25.26 -11.82
CA ASN B 87 -2.26 25.92 -13.03
C ASN B 87 -2.75 27.33 -12.76
N GLY B 88 -2.77 27.75 -11.49
CA GLY B 88 -3.18 29.10 -11.13
C GLY B 88 -4.63 29.17 -10.68
N PRO B 89 -5.07 30.31 -10.07
CA PRO B 89 -6.43 30.42 -9.51
C PRO B 89 -7.59 30.26 -10.47
N ASN B 90 -7.32 30.37 -11.77
CA ASN B 90 -8.36 30.34 -12.78
C ASN B 90 -8.29 29.00 -13.51
N ALA B 91 -7.53 28.03 -12.95
CA ALA B 91 -7.40 26.71 -13.56
C ALA B 91 -8.75 26.12 -13.98
N LEU B 92 -9.77 26.38 -13.17
CA LEU B 92 -11.12 25.87 -13.39
C LEU B 92 -12.00 27.07 -13.73
N GLY B 93 -12.90 26.92 -14.69
CA GLY B 93 -13.68 28.06 -15.16
C GLY B 93 -14.80 28.37 -14.17
N LEU B 94 -14.40 28.83 -12.97
CA LEU B 94 -15.35 29.05 -11.88
C LEU B 94 -15.53 30.55 -11.66
N THR B 95 -16.78 30.95 -11.38
CA THR B 95 -17.13 32.33 -11.09
C THR B 95 -16.57 32.69 -9.72
N GLY B 96 -16.56 33.99 -9.40
CA GLY B 96 -16.14 34.45 -8.09
C GLY B 96 -17.07 33.95 -6.98
N ASP B 97 -18.36 33.80 -7.29
CA ASP B 97 -19.37 33.36 -6.34
C ASP B 97 -19.22 31.88 -6.03
N SER B 98 -19.03 31.06 -7.08
CA SER B 98 -18.79 29.64 -6.93
C SER B 98 -17.53 29.39 -6.07
N LYS B 99 -16.48 30.17 -6.33
CA LYS B 99 -15.23 30.09 -5.58
C LYS B 99 -15.48 30.39 -4.10
N LYS B 100 -16.17 31.50 -3.82
CA LYS B 100 -16.49 31.90 -2.46
C LYS B 100 -17.40 30.88 -1.79
N ASP B 101 -18.34 30.30 -2.55
CA ASP B 101 -19.31 29.38 -1.98
C ASP B 101 -18.64 28.05 -1.60
N LEU B 102 -17.73 27.57 -2.44
CA LEU B 102 -16.99 26.35 -2.13
C LEU B 102 -16.17 26.51 -0.85
N VAL B 103 -15.49 27.65 -0.68
CA VAL B 103 -14.70 27.91 0.51
C VAL B 103 -15.61 27.96 1.74
N PHE B 104 -16.74 28.63 1.63
CA PHE B 104 -17.67 28.76 2.75
C PHE B 104 -18.22 27.37 3.10
N ALA B 105 -18.59 26.56 2.09
CA ALA B 105 -19.09 25.23 2.35
C ALA B 105 -18.03 24.34 3.04
N LEU B 106 -16.76 24.52 2.68
CA LEU B 106 -15.64 23.78 3.28
C LEU B 106 -15.44 24.22 4.74
N GLN B 107 -15.48 25.52 4.98
CA GLN B 107 -15.42 26.08 6.32
C GLN B 107 -16.50 25.49 7.21
N GLU B 108 -17.74 25.49 6.73
CA GLU B 108 -18.81 24.92 7.55
C GLU B 108 -18.63 23.40 7.77
N ALA B 109 -18.15 22.67 6.77
CA ALA B 109 -17.94 21.24 6.94
C ALA B 109 -16.80 20.96 7.93
N ALA B 110 -15.88 21.90 8.10
CA ALA B 110 -14.73 21.74 9.00
C ALA B 110 -15.15 21.64 10.47
N SER B 111 -16.33 22.20 10.82
CA SER B 111 -16.83 22.20 12.20
C SER B 111 -17.76 21.03 12.44
N ASP B 113 -18.86 17.08 13.01
CA ASP B 113 -18.24 15.94 13.65
C ASP B 113 -18.30 14.82 12.61
N HIS B 114 -17.09 14.48 12.11
CA HIS B 114 -16.97 13.44 11.10
C HIS B 114 -16.56 12.15 11.78
N ALA B 115 -17.01 11.04 11.21
CA ALA B 115 -16.66 9.72 11.73
C ALA B 115 -15.21 9.40 11.39
N GLN B 116 -14.75 9.92 10.25
CA GLN B 116 -13.35 9.76 9.84
C GLN B 116 -12.50 10.79 10.60
N SER B 117 -11.53 10.31 11.36
CA SER B 117 -10.80 11.14 12.31
C SER B 117 -9.97 12.25 11.64
N TRP B 118 -9.57 12.02 10.40
CA TRP B 118 -8.71 12.89 9.61
C TRP B 118 -9.52 13.87 8.76
N ALA B 120 -11.94 16.36 9.17
CA ALA B 120 -12.05 17.77 9.53
C ALA B 120 -10.75 18.51 9.22
N ALA B 121 -9.62 17.87 9.55
CA ALA B 121 -8.30 18.44 9.32
C ALA B 121 -8.03 18.61 7.83
N LYS B 122 -8.39 17.59 7.05
CA LYS B 122 -8.14 17.68 5.61
C LYS B 122 -9.01 18.81 5.01
N ILE B 123 -10.25 18.90 5.47
CA ILE B 123 -11.16 19.94 4.99
C ILE B 123 -10.63 21.32 5.38
N VAL B 124 -10.11 21.49 6.60
CA VAL B 124 -9.50 22.76 7.01
C VAL B 124 -8.30 23.10 6.11
N GLU B 125 -7.40 22.14 5.88
CA GLU B 125 -6.27 22.43 5.02
C GLU B 125 -6.72 22.90 3.62
N LEU B 126 -7.70 22.20 3.04
CA LEU B 126 -8.20 22.57 1.71
C LEU B 126 -8.87 23.94 1.76
N ALA B 127 -9.69 24.18 2.77
CA ALA B 127 -10.36 25.47 2.92
C ALA B 127 -9.33 26.59 2.94
N GLU B 128 -8.19 26.36 3.63
CA GLU B 128 -7.18 27.41 3.77
C GLU B 128 -6.41 27.60 2.48
N GLN B 129 -6.06 26.52 1.77
CA GLN B 129 -5.41 26.67 0.47
C GLN B 129 -6.29 27.43 -0.52
N LEU B 130 -7.60 27.15 -0.54
CA LEU B 130 -8.45 27.75 -1.54
C LEU B 130 -8.77 29.19 -1.14
N ARG B 131 -8.89 29.44 0.16
CA ARG B 131 -9.10 30.80 0.66
C ARG B 131 -7.89 31.68 0.31
N SER B 132 -6.70 31.17 0.56
CA SER B 132 -5.46 31.84 0.22
C SER B 132 -5.40 32.14 -1.29
N ALA B 133 -5.76 31.17 -2.13
CA ALA B 133 -5.64 31.32 -3.58
C ALA B 133 -6.71 32.27 -4.14
N TRP B 134 -7.83 32.47 -3.47
CA TRP B 134 -8.78 33.30 -4.19
C TRP B 134 -9.72 34.15 -3.34
N LEU B 135 -9.47 34.32 -2.04
CA LEU B 135 -10.17 35.34 -1.28
C LEU B 135 -9.20 36.40 -0.74
N SER C 2 20.95 0.42 22.07
CA SER C 2 20.95 1.28 20.85
C SER C 2 20.04 0.58 19.83
N HIS C 3 20.67 0.15 18.72
CA HIS C 3 20.11 -0.68 17.67
C HIS C 3 19.65 -2.04 18.23
N LEU C 5 18.11 -2.83 21.10
CA LEU C 5 16.76 -2.74 21.64
C LEU C 5 15.73 -2.66 20.51
N TRP C 6 16.11 -1.95 19.46
CA TRP C 6 15.26 -1.80 18.28
C TRP C 6 14.98 -3.15 17.64
N SER C 7 16.05 -3.93 17.40
CA SER C 7 15.93 -5.23 16.74
C SER C 7 15.08 -6.17 17.59
N GLN C 8 15.28 -6.13 18.92
CA GLN C 8 14.47 -6.94 19.82
C GLN C 8 13.01 -6.52 19.76
N ALA C 9 12.74 -5.21 19.69
CA ALA C 9 11.36 -4.71 19.59
C ALA C 9 10.73 -5.15 18.29
N GLU C 11 11.48 -7.77 16.53
CA GLU C 11 11.20 -9.20 16.67
C GLU C 11 9.87 -9.41 17.40
N SER C 12 9.68 -8.73 18.56
CA SER C 12 8.40 -8.87 19.27
C SER C 12 7.24 -8.37 18.42
N VAL C 13 7.45 -7.28 17.66
CA VAL C 13 6.41 -6.73 16.78
C VAL C 13 6.06 -7.74 15.71
N ARG C 14 7.06 -8.37 15.08
CA ARG C 14 6.77 -9.39 14.07
C ARG C 14 5.95 -10.52 14.69
N ALA C 15 6.22 -10.87 15.97
CA ALA C 15 5.47 -11.91 16.64
C ALA C 15 4.10 -11.41 17.15
N SER C 16 3.70 -10.17 16.80
CA SER C 16 2.49 -9.55 17.33
C SER C 16 2.51 -9.42 18.85
N ASP C 17 3.68 -9.40 19.49
CA ASP C 17 3.75 -9.18 20.93
C ASP C 17 4.11 -7.72 21.20
N PHE C 18 3.12 -6.86 21.00
CA PHE C 18 3.25 -5.43 21.18
C PHE C 18 3.51 -5.10 22.65
N ASP C 19 2.88 -5.87 23.53
CA ASP C 19 3.02 -5.61 24.96
C ASP C 19 4.48 -5.66 25.37
N LEU C 20 5.21 -6.64 24.84
CA LEU C 20 6.62 -6.81 25.20
C LEU C 20 7.50 -5.79 24.49
N ALA C 21 7.20 -5.52 23.20
CA ALA C 21 7.96 -4.50 22.51
C ALA C 21 7.87 -3.18 23.29
N TYR C 22 6.65 -2.78 23.69
CA TYR C 22 6.47 -1.52 24.44
C TYR C 22 7.11 -1.58 25.83
N ALA C 23 6.90 -2.67 26.57
CA ALA C 23 7.46 -2.80 27.93
C ALA C 23 8.97 -2.68 27.87
N ASP C 24 9.58 -3.33 26.87
CA ASP C 24 11.03 -3.27 26.73
C ASP C 24 11.46 -1.87 26.37
N ILE C 25 10.79 -1.25 25.40
CA ILE C 25 11.27 0.05 24.94
C ILE C 25 11.02 1.10 26.02
N LEU C 26 9.86 1.03 26.70
CA LEU C 26 9.53 1.97 27.77
C LEU C 26 10.50 1.80 28.93
N GLY C 27 10.82 0.54 29.25
CA GLY C 27 11.77 0.19 30.29
C GLY C 27 13.15 0.78 30.06
N SER C 28 13.49 1.03 28.79
CA SER C 28 14.79 1.60 28.45
C SER C 28 14.88 3.10 28.75
N ASN C 29 13.73 3.78 28.86
CA ASN C 29 13.64 5.24 29.02
C ASN C 29 14.25 5.99 27.83
N ASP C 30 14.38 5.34 26.68
CA ASP C 30 14.92 6.00 25.51
C ASP C 30 13.72 6.55 24.72
N GLU C 31 13.65 7.88 24.63
CA GLU C 31 12.50 8.58 24.10
C GLU C 31 12.47 8.42 22.58
N LEU C 32 13.64 8.45 21.93
CA LEU C 32 13.76 8.28 20.48
C LEU C 32 13.18 6.93 20.06
N LEU C 33 13.50 5.88 20.80
CA LEU C 33 13.09 4.55 20.44
C LEU C 33 11.59 4.43 20.62
N LEU C 34 11.07 5.08 21.66
CA LEU C 34 9.65 4.99 21.93
C LEU C 34 8.88 5.64 20.76
N VAL C 35 9.30 6.82 20.34
CA VAL C 35 8.58 7.54 19.31
C VAL C 35 8.75 6.81 17.99
N ARG C 36 9.93 6.23 17.77
CA ARG C 36 10.13 5.45 16.56
C ARG C 36 9.22 4.25 16.60
N LEU C 37 9.14 3.56 17.74
CA LEU C 37 8.28 2.39 17.86
C LEU C 37 6.84 2.78 17.60
N SER C 39 5.57 5.24 15.85
CA SER C 39 5.38 5.51 14.44
C SER C 39 5.39 4.21 13.60
N ARG C 40 6.19 3.22 14.03
CA ARG C 40 6.31 2.01 13.26
C ARG C 40 5.10 1.12 13.47
N THR C 41 4.61 1.01 14.71
CA THR C 41 3.42 0.21 14.96
C THR C 41 2.22 1.09 14.78
N GLY C 42 1.07 0.50 14.61
CA GLY C 42 -0.06 1.43 14.81
C GLY C 42 -0.01 2.18 16.17
N PRO C 43 -0.97 3.08 16.51
CA PRO C 43 -1.61 2.98 17.80
C PRO C 43 -2.08 1.53 18.06
N VAL C 44 -1.64 0.91 19.18
CA VAL C 44 -1.96 -0.50 19.49
C VAL C 44 -2.33 -0.63 20.97
N LEU C 45 -3.05 0.37 21.50
CA LEU C 45 -3.36 0.45 22.91
C LEU C 45 -4.10 -0.82 23.40
N GLU C 46 -4.89 -1.42 22.53
CA GLU C 46 -5.77 -2.53 22.87
C GLU C 46 -4.95 -3.80 23.11
N GLN C 47 -3.67 -3.81 22.71
CA GLN C 47 -2.84 -5.00 22.75
C GLN C 47 -1.79 -4.88 23.84
N LEU C 48 -1.98 -3.93 24.77
CA LEU C 48 -1.03 -3.68 25.83
C LEU C 48 -1.66 -4.09 27.16
N SER C 49 -0.82 -4.63 28.07
CA SER C 49 -1.21 -4.82 29.46
C SER C 49 -1.43 -3.47 30.13
N ASP C 50 -2.12 -3.49 31.27
CA ASP C 50 -2.54 -2.28 31.96
C ASP C 50 -1.34 -1.53 32.50
N ALA C 51 -0.29 -2.26 32.89
CA ALA C 51 0.95 -1.66 33.36
C ALA C 51 1.71 -0.96 32.23
N THR C 52 1.82 -1.62 31.08
CA THR C 52 2.48 -1.06 29.89
C THR C 52 1.73 0.18 29.41
N LEU C 53 0.39 0.05 29.38
CA LEU C 53 -0.51 1.09 28.97
C LEU C 53 -0.33 2.33 29.85
N THR C 54 -0.38 2.14 31.17
CA THR C 54 -0.20 3.23 32.14
C THR C 54 1.14 3.91 31.91
N HIS C 55 2.21 3.13 31.73
CA HIS C 55 3.53 3.71 31.49
C HIS C 55 3.49 4.53 30.18
N LEU C 56 2.87 3.99 29.13
CA LEU C 56 2.85 4.68 27.85
C LEU C 56 2.02 5.95 27.95
N GLY C 58 1.65 7.90 30.48
CA GLY C 58 2.38 8.97 31.13
C GLY C 58 3.30 9.68 30.14
N ASN C 59 3.83 8.92 29.19
CA ASN C 59 4.65 9.48 28.12
C ASN C 59 3.77 10.37 27.20
N LEU C 60 2.63 9.89 26.77
CA LEU C 60 1.75 10.66 25.89
C LEU C 60 1.28 11.94 26.57
N LYS C 61 0.97 11.86 27.87
CA LYS C 61 0.61 13.04 28.66
C LYS C 61 1.75 14.03 28.63
N HIS C 62 2.99 13.56 28.84
CA HIS C 62 4.15 14.42 28.82
C HIS C 62 4.32 15.07 27.45
N PHE C 63 4.16 14.31 26.37
CA PHE C 63 4.29 14.91 25.06
C PHE C 63 3.22 15.99 24.84
N LEU C 64 2.00 15.78 25.34
CA LEU C 64 0.96 16.82 25.25
C LEU C 64 1.34 18.06 26.02
N GLN C 65 1.85 17.90 27.25
CA GLN C 65 2.28 19.03 28.09
C GLN C 65 3.42 19.78 27.45
N GLN C 66 4.25 19.12 26.64
CA GLN C 66 5.41 19.76 26.02
C GLN C 66 5.19 20.09 24.55
N GLN C 67 4.02 19.80 23.97
CA GLN C 67 3.75 20.09 22.56
C GLN C 67 4.77 19.43 21.64
N SER C 68 5.05 18.14 21.90
CA SER C 68 6.11 17.41 21.21
C SER C 68 5.51 16.35 20.31
N PHE C 69 5.92 16.35 19.03
CA PHE C 69 5.61 15.25 18.12
C PHE C 69 4.10 15.12 17.94
N LEU C 70 3.31 16.20 18.01
CA LEU C 70 1.86 16.03 18.15
C LEU C 70 1.24 15.41 16.93
N GLU C 71 1.86 15.56 15.75
CA GLU C 71 1.35 14.84 14.59
C GLU C 71 1.44 13.32 14.73
N CYS C 72 2.50 12.86 15.41
CA CYS C 72 2.77 11.45 15.68
C CYS C 72 1.98 11.00 16.93
N VAL C 73 1.65 11.92 17.84
CA VAL C 73 1.06 11.56 19.13
C VAL C 73 -0.47 11.56 19.05
N ILE C 74 -1.04 12.48 18.26
CA ILE C 74 -2.47 12.70 18.30
C ILE C 74 -3.25 11.48 17.81
N PRO C 75 -2.77 10.64 16.87
CA PRO C 75 -3.50 9.40 16.54
C PRO C 75 -3.63 8.45 17.72
N TRP C 76 -2.70 8.50 18.67
CA TRP C 76 -2.83 7.68 19.86
C TRP C 76 -3.98 8.18 20.74
N ILE C 77 -4.13 9.49 20.91
CA ILE C 77 -5.29 10.02 21.65
C ILE C 77 -6.59 9.75 20.87
N GLN C 78 -6.53 9.81 19.55
CA GLN C 78 -7.69 9.44 18.74
C GLN C 78 -8.08 7.99 19.02
N GLN C 79 -7.10 7.09 19.17
CA GLN C 79 -7.45 5.73 19.49
C GLN C 79 -8.02 5.62 20.91
N VAL C 80 -7.54 6.41 21.86
CA VAL C 80 -8.18 6.39 23.18
C VAL C 80 -9.68 6.73 22.98
N ALA C 81 -9.99 7.83 22.31
CA ALA C 81 -11.38 8.24 22.12
C ALA C 81 -12.16 7.20 21.28
N ASP C 82 -11.57 6.67 20.20
CA ASP C 82 -12.25 5.63 19.43
C ASP C 82 -12.57 4.40 20.29
N LEU C 83 -11.63 3.95 21.13
CA LEU C 83 -11.85 2.77 21.95
C LEU C 83 -12.92 3.04 22.99
N VAL C 84 -12.98 4.26 23.54
CA VAL C 84 -14.00 4.64 24.50
C VAL C 84 -15.39 4.64 23.85
N LEU C 85 -15.51 5.20 22.64
CA LEU C 85 -16.77 5.20 21.91
C LEU C 85 -17.24 3.76 21.65
N SER C 86 -16.33 2.86 21.25
CA SER C 86 -16.75 1.55 20.76
C SER C 86 -16.78 0.50 21.87
N ASN C 87 -16.10 0.71 22.99
CA ASN C 87 -15.96 -0.30 24.03
C ASN C 87 -16.39 0.20 25.39
N GLY C 88 -16.79 1.48 25.51
CA GLY C 88 -17.22 2.04 26.78
C GLY C 88 -16.12 2.80 27.52
N PRO C 89 -16.46 3.64 28.53
CA PRO C 89 -15.50 4.50 29.24
C PRO C 89 -14.33 3.81 29.90
N ASN C 90 -14.47 2.49 30.17
CA ASN C 90 -13.46 1.76 30.91
C ASN C 90 -12.67 0.90 29.95
N ALA C 91 -12.80 1.15 28.64
CA ALA C 91 -12.16 0.34 27.60
C ALA C 91 -10.68 0.10 27.89
N LEU C 92 -10.02 1.12 28.43
CA LEU C 92 -8.59 1.11 28.70
C LEU C 92 -8.47 1.18 30.22
N GLY C 93 -7.45 0.54 30.79
CA GLY C 93 -7.51 0.32 32.24
C GLY C 93 -7.29 1.55 33.12
N LEU C 94 -7.58 2.77 32.65
CA LEU C 94 -7.09 4.00 33.23
C LEU C 94 -7.85 4.37 34.49
N THR C 95 -7.13 4.87 35.47
CA THR C 95 -7.64 5.32 36.76
C THR C 95 -8.45 6.58 36.55
N GLY C 96 -9.16 7.02 37.56
CA GLY C 96 -9.86 8.29 37.54
C GLY C 96 -8.91 9.48 37.41
N ASP C 97 -7.74 9.36 38.04
CA ASP C 97 -6.71 10.40 37.98
C ASP C 97 -6.10 10.51 36.57
N SER C 98 -5.74 9.37 35.98
CA SER C 98 -5.20 9.34 34.63
C SER C 98 -6.18 9.98 33.65
N LYS C 99 -7.46 9.62 33.78
CA LYS C 99 -8.54 10.15 32.98
C LYS C 99 -8.59 11.67 33.07
N LYS C 100 -8.64 12.18 34.30
CA LYS C 100 -8.68 13.60 34.57
C LYS C 100 -7.41 14.29 34.06
N ASP C 101 -6.27 13.66 34.24
CA ASP C 101 -5.00 14.26 33.84
C ASP C 101 -4.88 14.38 32.31
N LEU C 102 -5.34 13.35 31.60
CA LEU C 102 -5.27 13.34 30.15
C LEU C 102 -6.16 14.44 29.57
N VAL C 103 -7.36 14.60 30.14
CA VAL C 103 -8.28 15.65 29.68
C VAL C 103 -7.67 17.01 29.93
N PHE C 104 -7.11 17.21 31.14
CA PHE C 104 -6.51 18.48 31.47
C PHE C 104 -5.33 18.79 30.54
N ALA C 105 -4.49 17.82 30.28
CA ALA C 105 -3.35 18.00 29.41
C ALA C 105 -3.79 18.34 27.97
N LEU C 106 -4.90 17.77 27.52
CA LEU C 106 -5.46 18.05 26.20
C LEU C 106 -5.99 19.48 26.14
N GLN C 107 -6.75 19.85 27.17
CA GLN C 107 -7.28 21.20 27.29
C GLN C 107 -6.16 22.22 27.23
N GLU C 108 -5.09 22.00 27.98
CA GLU C 108 -3.97 22.95 27.97
C GLU C 108 -3.31 23.01 26.60
N ALA C 109 -3.15 21.87 25.92
CA ALA C 109 -2.52 21.86 24.60
C ALA C 109 -3.35 22.63 23.60
N ALA C 110 -4.66 22.72 23.80
CA ALA C 110 -5.53 23.47 22.90
C ALA C 110 -5.21 24.96 22.79
N SER C 111 -4.59 25.57 23.80
CA SER C 111 -4.23 27.01 23.85
C SER C 111 -2.87 27.29 23.23
N ASP C 113 0.34 27.38 20.51
CA ASP C 113 0.49 27.77 19.13
C ASP C 113 0.93 26.57 18.30
N HIS C 114 0.00 26.04 17.50
CA HIS C 114 0.30 24.87 16.68
C HIS C 114 0.51 25.40 15.27
N ALA C 115 1.47 24.83 14.56
CA ALA C 115 1.73 25.24 13.18
C ALA C 115 0.65 24.68 12.26
N GLN C 116 0.11 23.52 12.63
CA GLN C 116 -1.00 22.88 11.92
C GLN C 116 -2.30 23.59 12.33
N SER C 117 -2.99 24.19 11.36
CA SER C 117 -4.21 24.94 11.56
C SER C 117 -5.34 24.07 12.10
N TRP C 118 -5.29 22.75 11.85
CA TRP C 118 -6.33 21.83 12.34
C TRP C 118 -6.08 21.30 13.75
N ALA C 120 -5.46 22.47 17.02
CA ALA C 120 -6.19 22.93 18.21
C ALA C 120 -7.64 22.44 18.19
N ALA C 121 -8.27 22.44 16.99
CA ALA C 121 -9.64 21.98 16.84
C ALA C 121 -9.74 20.47 17.11
N LYS C 122 -8.75 19.71 16.62
CA LYS C 122 -8.77 18.26 16.86
C LYS C 122 -8.58 18.00 18.35
N ILE C 123 -7.63 18.73 18.98
CA ILE C 123 -7.38 18.52 20.41
C ILE C 123 -8.62 18.84 21.21
N VAL C 124 -9.31 19.95 20.85
CA VAL C 124 -10.51 20.29 21.61
C VAL C 124 -11.58 19.24 21.40
N GLU C 125 -11.80 18.78 20.16
CA GLU C 125 -12.79 17.71 19.94
C GLU C 125 -12.50 16.49 20.84
N LEU C 126 -11.25 16.04 20.87
CA LEU C 126 -10.88 14.89 21.70
C LEU C 126 -11.06 15.17 23.18
N ALA C 127 -10.65 16.34 23.63
CA ALA C 127 -10.83 16.75 25.02
C ALA C 127 -12.30 16.69 25.40
N GLU C 128 -13.18 17.12 24.49
CA GLU C 128 -14.61 17.18 24.75
C GLU C 128 -15.24 15.80 24.75
N GLN C 129 -14.86 14.93 23.81
CA GLN C 129 -15.34 13.54 23.86
C GLN C 129 -14.92 12.84 25.15
N LEU C 130 -13.65 13.03 25.58
CA LEU C 130 -13.16 12.25 26.71
C LEU C 130 -13.75 12.85 28.00
N ARG C 131 -13.95 14.17 28.04
CA ARG C 131 -14.57 14.79 29.20
C ARG C 131 -16.02 14.34 29.37
N SER C 132 -16.75 14.33 28.27
CA SER C 132 -18.11 13.81 28.22
C SER C 132 -18.17 12.37 28.71
N ALA C 133 -17.25 11.51 28.26
CA ALA C 133 -17.32 10.09 28.57
C ALA C 133 -16.89 9.81 30.01
N TRP C 134 -16.09 10.69 30.63
CA TRP C 134 -15.35 10.35 31.83
C TRP C 134 -15.62 11.24 33.03
N LEU C 135 -15.88 12.52 32.80
CA LEU C 135 -15.95 13.47 33.89
C LEU C 135 -17.40 14.00 33.99
N SER D 2 19.95 17.15 24.38
CA SER D 2 20.08 18.46 25.07
C SER D 2 18.75 19.18 24.99
N HIS D 3 18.10 19.39 26.14
CA HIS D 3 17.14 20.46 26.35
C HIS D 3 17.74 21.87 26.12
N LEU D 5 20.01 22.78 23.78
CA LEU D 5 19.99 23.02 22.35
C LEU D 5 18.54 23.27 21.88
N TRP D 6 17.58 22.62 22.50
CA TRP D 6 16.17 22.86 22.19
C TRP D 6 15.81 24.32 22.45
N SER D 7 16.17 24.85 23.64
CA SER D 7 15.86 26.23 24.01
C SER D 7 16.52 27.22 23.03
N GLN D 8 17.78 26.92 22.65
CA GLN D 8 18.49 27.72 21.67
C GLN D 8 17.73 27.73 20.33
N ALA D 9 17.27 26.54 19.89
CA ALA D 9 16.50 26.42 18.64
C ALA D 9 15.18 27.19 18.71
N GLU D 11 14.53 29.78 20.56
CA GLU D 11 14.86 31.20 20.42
C GLU D 11 14.95 31.59 18.93
N SER D 12 15.70 30.84 18.12
CA SER D 12 15.76 31.16 16.70
C SER D 12 14.38 31.06 16.03
N VAL D 13 13.59 30.06 16.42
CA VAL D 13 12.24 29.88 15.87
C VAL D 13 11.38 31.10 16.22
N ARG D 14 11.42 31.55 17.48
CA ARG D 14 10.66 32.74 17.86
C ARG D 14 11.09 33.93 17.01
N ALA D 15 12.37 34.04 16.68
CA ALA D 15 12.85 35.15 15.85
C ALA D 15 12.59 34.90 14.36
N SER D 16 11.82 33.85 14.01
CA SER D 16 11.57 33.48 12.61
C SER D 16 12.86 33.13 11.86
N ASP D 17 13.92 32.71 12.56
CA ASP D 17 15.14 32.30 11.88
C ASP D 17 15.17 30.79 11.84
N PHE D 18 14.35 30.24 10.94
CA PHE D 18 14.20 28.81 10.75
C PHE D 18 15.51 28.20 10.25
N ASP D 19 16.19 28.93 9.38
CA ASP D 19 17.42 28.45 8.79
C ASP D 19 18.43 28.09 9.88
N LEU D 20 18.54 28.93 10.92
CA LEU D 20 19.48 28.70 11.99
C LEU D 20 18.99 27.63 12.97
N ALA D 21 17.69 27.62 13.27
CA ALA D 21 17.16 26.57 14.12
C ALA D 21 17.48 25.22 13.50
N TYR D 22 17.20 25.06 12.18
CA TYR D 22 17.43 23.80 11.50
C TYR D 22 18.94 23.49 11.40
N ALA D 23 19.76 24.48 11.01
CA ALA D 23 21.21 24.26 10.88
C ALA D 23 21.78 23.78 12.19
N ASP D 24 21.36 24.41 13.30
CA ASP D 24 21.85 23.99 14.61
C ASP D 24 21.38 22.57 14.93
N ILE D 25 20.08 22.30 14.73
CA ILE D 25 19.58 20.99 15.16
C ILE D 25 20.13 19.90 14.24
N LEU D 26 20.19 20.17 12.93
CA LEU D 26 20.72 19.20 11.97
C LEU D 26 22.19 18.93 12.26
N GLY D 27 22.94 20.00 12.54
CA GLY D 27 24.34 19.92 12.90
C GLY D 27 24.61 19.03 14.11
N SER D 28 23.62 18.90 15.01
CA SER D 28 23.76 18.08 16.20
C SER D 28 23.66 16.57 15.89
N ASN D 29 23.05 16.20 14.76
CA ASN D 29 22.77 14.82 14.40
C ASN D 29 21.86 14.11 15.36
N ASP D 30 21.14 14.85 16.21
CA ASP D 30 20.19 14.25 17.13
C ASP D 30 18.85 14.17 16.40
N GLU D 31 18.42 12.93 16.19
CA GLU D 31 17.28 12.59 15.36
C GLU D 31 15.99 13.03 16.07
N LEU D 32 15.94 12.82 17.39
CA LEU D 32 14.75 13.12 18.17
C LEU D 32 14.47 14.62 18.13
N LEU D 33 15.53 15.43 18.23
CA LEU D 33 15.35 16.87 18.27
C LEU D 33 14.90 17.37 16.91
N LEU D 34 15.43 16.73 15.86
CA LEU D 34 15.05 17.12 14.52
C LEU D 34 13.54 16.89 14.34
N VAL D 35 13.07 15.71 14.72
CA VAL D 35 11.67 15.36 14.54
C VAL D 35 10.81 16.27 15.41
N ARG D 36 11.29 16.58 16.62
CA ARG D 36 10.56 17.48 17.49
C ARG D 36 10.47 18.86 16.84
N LEU D 37 11.60 19.35 16.31
CA LEU D 37 11.58 20.64 15.65
C LEU D 37 10.62 20.64 14.47
N SER D 39 8.01 18.83 13.82
CA SER D 39 6.62 18.83 14.26
C SER D 39 6.21 20.19 14.85
N ARG D 40 7.16 20.87 15.50
CA ARG D 40 6.84 22.14 16.14
C ARG D 40 6.72 23.25 15.11
N THR D 41 7.58 23.29 14.11
CA THR D 41 7.46 24.33 13.10
C THR D 41 6.57 23.78 12.00
N GLY D 42 6.05 24.64 11.16
CA GLY D 42 5.52 24.00 9.95
C GLY D 42 6.54 23.06 9.25
N PRO D 43 6.20 22.33 8.15
CA PRO D 43 7.06 22.38 6.98
C PRO D 43 7.39 23.84 6.63
N VAL D 44 8.70 24.19 6.58
CA VAL D 44 9.18 25.55 6.32
C VAL D 44 10.35 25.47 5.33
N LEU D 45 10.24 24.59 4.33
CA LEU D 45 11.30 24.37 3.36
C LEU D 45 11.73 25.68 2.65
N GLU D 46 10.77 26.60 2.47
CA GLU D 46 10.97 27.81 1.70
C GLU D 46 11.83 28.80 2.48
N GLN D 47 12.05 28.57 3.79
CA GLN D 47 12.75 29.50 4.63
C GLN D 47 14.14 28.99 5.01
N LEU D 48 14.62 27.98 4.28
CA LEU D 48 15.89 27.34 4.58
C LEU D 48 16.87 27.63 3.45
N SER D 49 18.15 27.83 3.82
CA SER D 49 19.22 27.91 2.85
C SER D 49 19.41 26.57 2.17
N ASP D 50 20.13 26.59 1.05
CA ASP D 50 20.31 25.42 0.21
C ASP D 50 21.13 24.35 0.94
N ALA D 51 22.06 24.77 1.82
CA ALA D 51 22.86 23.82 2.58
C ALA D 51 22.01 23.13 3.65
N THR D 52 21.20 23.92 4.38
CA THR D 52 20.28 23.40 5.40
C THR D 52 19.26 22.46 4.75
N LEU D 53 18.72 22.90 3.62
CA LEU D 53 17.73 22.15 2.84
C LEU D 53 18.31 20.81 2.44
N THR D 54 19.49 20.79 1.83
CA THR D 54 20.14 19.56 1.40
C THR D 54 20.33 18.61 2.59
N HIS D 55 20.82 19.14 3.71
CA HIS D 55 20.98 18.32 4.89
C HIS D 55 19.61 17.75 5.32
N LEU D 56 18.57 18.59 5.36
CA LEU D 56 17.26 18.11 5.78
C LEU D 56 16.72 17.07 4.81
N GLY D 58 18.30 14.88 3.04
CA GLY D 58 18.92 13.58 3.26
C GLY D 58 18.29 12.86 4.45
N ASN D 59 17.87 13.63 5.46
CA ASN D 59 17.14 13.08 6.59
C ASN D 59 15.79 12.54 6.16
N LEU D 60 15.01 13.32 5.41
CA LEU D 60 13.68 12.89 4.98
C LEU D 60 13.78 11.62 4.13
N LYS D 61 14.78 11.57 3.24
CA LYS D 61 15.02 10.39 2.43
C LYS D 61 15.31 9.18 3.33
N HIS D 62 16.16 9.36 4.34
CA HIS D 62 16.48 8.31 5.30
C HIS D 62 15.21 7.86 6.04
N PHE D 63 14.38 8.79 6.47
CA PHE D 63 13.18 8.37 7.18
C PHE D 63 12.29 7.53 6.29
N LEU D 64 12.20 7.90 4.99
CA LEU D 64 11.43 7.10 4.06
C LEU D 64 12.00 5.69 3.91
N GLN D 65 13.32 5.58 3.74
CA GLN D 65 13.98 4.28 3.57
C GLN D 65 13.85 3.43 4.83
N GLN D 66 13.68 4.04 6.00
CA GLN D 66 13.59 3.29 7.26
C GLN D 66 12.18 3.24 7.82
N GLN D 67 11.18 3.79 7.12
CA GLN D 67 9.80 3.91 7.61
C GLN D 67 9.70 4.41 9.06
N SER D 68 10.35 5.56 9.28
CA SER D 68 10.42 6.20 10.57
C SER D 68 9.59 7.49 10.56
N PHE D 69 8.69 7.65 11.55
CA PHE D 69 8.08 8.94 11.86
C PHE D 69 7.26 9.50 10.70
N LEU D 70 6.67 8.60 9.88
CA LEU D 70 6.15 9.04 8.61
C LEU D 70 4.95 9.96 8.80
N GLU D 71 4.22 9.86 9.91
CA GLU D 71 3.14 10.81 10.15
C GLU D 71 3.62 12.25 10.31
N CYS D 72 4.83 12.41 10.90
CA CYS D 72 5.49 13.69 11.09
C CYS D 72 6.22 14.11 9.82
N VAL D 73 6.65 13.15 9.01
CA VAL D 73 7.51 13.44 7.86
C VAL D 73 6.70 13.72 6.61
N ILE D 74 5.55 13.07 6.45
CA ILE D 74 4.88 13.07 5.16
C ILE D 74 4.36 14.46 4.81
N PRO D 75 3.92 15.33 5.76
CA PRO D 75 3.60 16.71 5.40
C PRO D 75 4.75 17.48 4.77
N TRP D 76 6.00 17.11 5.12
CA TRP D 76 7.16 17.74 4.50
C TRP D 76 7.26 17.35 3.04
N ILE D 77 7.05 16.09 2.69
CA ILE D 77 7.03 15.67 1.31
C ILE D 77 5.86 16.31 0.56
N GLN D 78 4.72 16.48 1.24
CA GLN D 78 3.60 17.21 0.67
C GLN D 78 4.04 18.62 0.30
N GLN D 79 4.80 19.28 1.18
CA GLN D 79 5.24 20.63 0.89
C GLN D 79 6.21 20.63 -0.32
N VAL D 80 7.06 19.62 -0.44
CA VAL D 80 7.92 19.53 -1.61
C VAL D 80 7.02 19.51 -2.86
N ALA D 81 6.03 18.60 -2.90
CA ALA D 81 5.13 18.49 -4.03
C ALA D 81 4.37 19.78 -4.29
N ASP D 82 3.83 20.39 -3.23
CA ASP D 82 3.11 21.64 -3.39
C ASP D 82 4.00 22.72 -4.01
N LEU D 83 5.23 22.86 -3.53
CA LEU D 83 6.12 23.91 -4.00
C LEU D 83 6.50 23.66 -5.47
N VAL D 84 6.69 22.40 -5.84
CA VAL D 84 7.03 22.06 -7.22
C VAL D 84 5.88 22.33 -8.18
N LEU D 85 4.65 22.00 -7.77
CA LEU D 85 3.49 22.33 -8.58
C LEU D 85 3.37 23.85 -8.79
N SER D 86 3.58 24.65 -7.74
CA SER D 86 3.21 26.05 -7.78
C SER D 86 4.38 26.94 -8.20
N ASN D 87 5.62 26.43 -8.11
CA ASN D 87 6.79 27.25 -8.35
C ASN D 87 7.68 26.63 -9.43
N GLY D 88 7.35 25.42 -9.92
CA GLY D 88 8.09 24.80 -11.00
C GLY D 88 9.11 23.77 -10.49
N PRO D 89 9.65 22.92 -11.39
CA PRO D 89 10.51 21.81 -11.01
C PRO D 89 11.80 22.14 -10.24
N ASN D 90 12.27 23.38 -10.32
CA ASN D 90 13.50 23.71 -9.62
C ASN D 90 13.19 24.55 -8.39
N ALA D 91 11.91 24.54 -7.95
CA ALA D 91 11.46 25.32 -6.80
C ALA D 91 12.43 25.23 -5.60
N LEU D 92 12.96 24.02 -5.37
CA LEU D 92 13.81 23.83 -4.18
C LEU D 92 15.25 23.62 -4.59
N GLY D 93 15.59 23.90 -5.85
CA GLY D 93 16.98 23.86 -6.29
C GLY D 93 17.73 22.54 -6.05
N LEU D 94 17.00 21.44 -5.87
CA LEU D 94 17.59 20.12 -5.71
C LEU D 94 18.32 19.71 -6.99
N THR D 95 19.38 18.92 -6.84
CA THR D 95 20.12 18.34 -7.95
C THR D 95 19.27 17.31 -8.67
N GLY D 96 19.70 16.87 -9.85
CA GLY D 96 19.00 15.81 -10.57
C GLY D 96 19.05 14.48 -9.83
N ASP D 97 20.15 14.24 -9.11
CA ASP D 97 20.37 13.00 -8.37
C ASP D 97 19.46 12.97 -7.14
N SER D 98 19.41 14.08 -6.38
CA SER D 98 18.53 14.20 -5.22
C SER D 98 17.06 13.99 -5.64
N LYS D 99 16.65 14.56 -6.77
CA LYS D 99 15.31 14.40 -7.29
C LYS D 99 15.01 12.94 -7.58
N LYS D 100 15.92 12.27 -8.29
CA LYS D 100 15.77 10.86 -8.63
C LYS D 100 15.79 10.01 -7.35
N ASP D 101 16.61 10.39 -6.36
CA ASP D 101 16.74 9.60 -5.15
C ASP D 101 15.47 9.73 -4.30
N LEU D 102 14.89 10.91 -4.23
CA LEU D 102 13.68 11.12 -3.47
C LEU D 102 12.53 10.32 -4.05
N VAL D 103 12.40 10.29 -5.38
CA VAL D 103 11.34 9.50 -6.02
C VAL D 103 11.56 8.03 -5.75
N PHE D 104 12.81 7.56 -5.87
CA PHE D 104 13.12 6.15 -5.62
C PHE D 104 12.81 5.82 -4.16
N ALA D 105 13.19 6.69 -3.22
CA ALA D 105 12.93 6.44 -1.81
C ALA D 105 11.42 6.39 -1.53
N LEU D 106 10.62 7.21 -2.23
CA LEU D 106 9.16 7.20 -2.08
C LEU D 106 8.59 5.90 -2.63
N GLN D 107 9.04 5.49 -3.81
CA GLN D 107 8.65 4.23 -4.41
C GLN D 107 8.93 3.06 -3.49
N GLU D 108 10.14 3.00 -2.91
CA GLU D 108 10.47 1.92 -1.97
C GLU D 108 9.57 1.95 -0.75
N ALA D 109 9.28 3.14 -0.23
CA ALA D 109 8.47 3.23 0.98
C ALA D 109 7.04 2.81 0.69
N ALA D 110 6.59 2.95 -0.57
CA ALA D 110 5.21 2.62 -0.96
C ALA D 110 4.89 1.13 -0.81
N SER D 111 5.92 0.28 -0.97
CA SER D 111 5.79 -1.18 -0.96
C SER D 111 6.06 -1.73 0.44
N ASP D 113 5.22 -2.39 4.46
CA ASP D 113 4.00 -2.56 5.24
C ASP D 113 3.94 -1.44 6.28
N HIS D 114 3.03 -0.48 6.07
CA HIS D 114 2.85 0.61 7.03
C HIS D 114 1.68 0.26 7.93
N ALA D 115 1.79 0.65 9.21
CA ALA D 115 0.76 0.41 10.19
C ALA D 115 -0.43 1.34 9.92
N GLN D 116 -0.13 2.53 9.44
CA GLN D 116 -1.12 3.53 9.06
C GLN D 116 -1.71 3.15 7.70
N SER D 117 -3.03 2.97 7.67
CA SER D 117 -3.71 2.30 6.57
C SER D 117 -3.58 3.05 5.24
N TRP D 118 -3.55 4.38 5.32
CA TRP D 118 -3.54 5.26 4.16
C TRP D 118 -2.15 5.74 3.79
N ALA D 120 0.68 4.16 2.48
CA ALA D 120 1.22 3.69 1.21
C ALA D 120 0.60 4.45 0.03
N ALA D 121 -0.71 4.69 0.11
CA ALA D 121 -1.47 5.40 -0.90
C ALA D 121 -1.00 6.84 -1.01
N LYS D 122 -0.78 7.48 0.14
CA LYS D 122 -0.32 8.87 0.13
C LYS D 122 1.09 8.96 -0.46
N ILE D 123 1.94 8.00 -0.08
CA ILE D 123 3.31 7.96 -0.60
C ILE D 123 3.28 7.75 -2.12
N VAL D 124 2.42 6.84 -2.61
CA VAL D 124 2.29 6.62 -4.07
C VAL D 124 1.79 7.89 -4.76
N GLU D 125 0.77 8.58 -4.21
CA GLU D 125 0.33 9.81 -4.85
C GLU D 125 1.47 10.82 -4.99
N LEU D 126 2.24 11.00 -3.89
CA LEU D 126 3.34 11.96 -3.93
C LEU D 126 4.42 11.50 -4.89
N ALA D 127 4.76 10.23 -4.86
CA ALA D 127 5.76 9.68 -5.77
C ALA D 127 5.36 9.97 -7.21
N GLU D 128 4.06 9.84 -7.54
CA GLU D 128 3.61 10.04 -8.92
C GLU D 128 3.63 11.52 -9.30
N GLN D 129 3.20 12.42 -8.39
CA GLN D 129 3.33 13.85 -8.66
C GLN D 129 4.78 14.26 -8.90
N LEU D 130 5.72 13.76 -8.07
CA LEU D 130 7.09 14.25 -8.18
C LEU D 130 7.77 13.61 -9.39
N ARG D 131 7.41 12.37 -9.69
CA ARG D 131 7.96 11.69 -10.86
C ARG D 131 7.51 12.41 -12.14
N SER D 132 6.22 12.73 -12.20
CA SER D 132 5.66 13.49 -13.31
C SER D 132 6.39 14.83 -13.48
N ALA D 133 6.61 15.54 -12.37
CA ALA D 133 7.14 16.89 -12.45
C ALA D 133 8.64 16.93 -12.75
N TRP D 134 9.35 15.80 -12.55
CA TRP D 134 10.80 15.80 -12.63
C TRP D 134 11.38 14.87 -13.70
N LEU D 135 10.72 13.75 -14.04
CA LEU D 135 11.39 12.69 -14.79
C LEU D 135 10.71 12.47 -16.14
N HIS E 3 -3.57 -28.67 -22.41
CA HIS E 3 -4.55 -27.97 -21.55
C HIS E 3 -5.11 -28.95 -20.50
N LEU E 5 -4.27 -31.84 -18.95
CA LEU E 5 -3.50 -32.27 -17.79
C LEU E 5 -3.28 -31.09 -16.84
N TRP E 6 -3.10 -29.90 -17.41
CA TRP E 6 -2.93 -28.69 -16.63
C TRP E 6 -4.19 -28.42 -15.78
N SER E 7 -5.37 -28.48 -16.41
CA SER E 7 -6.64 -28.22 -15.71
C SER E 7 -6.86 -29.23 -14.60
N GLN E 8 -6.53 -30.50 -14.87
CA GLN E 8 -6.62 -31.54 -13.86
C GLN E 8 -5.67 -31.24 -12.70
N ALA E 9 -4.45 -30.77 -12.99
CA ALA E 9 -3.48 -30.42 -11.94
C ALA E 9 -3.99 -29.26 -11.08
N GLU E 11 -7.08 -28.42 -10.63
CA GLU E 11 -8.14 -28.97 -9.78
C GLU E 11 -7.55 -29.59 -8.52
N SER E 12 -6.53 -30.45 -8.65
CA SER E 12 -5.91 -31.01 -7.46
C SER E 12 -5.31 -29.93 -6.55
N VAL E 13 -4.69 -28.91 -7.16
CA VAL E 13 -4.09 -27.82 -6.40
C VAL E 13 -5.20 -27.07 -5.65
N ARG E 14 -6.32 -26.77 -6.31
CA ARG E 14 -7.43 -26.10 -5.63
C ARG E 14 -7.89 -26.94 -4.44
N ALA E 15 -7.89 -28.28 -4.58
CA ALA E 15 -8.28 -29.16 -3.47
C ALA E 15 -7.17 -29.32 -2.43
N SER E 16 -6.06 -28.57 -2.56
CA SER E 16 -4.88 -28.71 -1.70
C SER E 16 -4.27 -30.11 -1.77
N ASP E 17 -4.49 -30.85 -2.86
CA ASP E 17 -3.86 -32.15 -3.00
C ASP E 17 -2.64 -31.98 -3.90
N PHE E 18 -1.59 -31.41 -3.35
CA PHE E 18 -0.33 -31.14 -4.01
C PHE E 18 0.33 -32.44 -4.41
N ASP E 19 0.20 -33.46 -3.56
CA ASP E 19 0.83 -34.73 -3.83
C ASP E 19 0.35 -35.30 -5.16
N LEU E 20 -0.95 -35.16 -5.45
CA LEU E 20 -1.52 -35.67 -6.67
C LEU E 20 -1.20 -34.78 -7.87
N ALA E 21 -1.24 -33.46 -7.66
CA ALA E 21 -0.88 -32.53 -8.72
C ALA E 21 0.53 -32.88 -9.19
N TYR E 22 1.48 -33.05 -8.24
CA TYR E 22 2.86 -33.36 -8.59
C TYR E 22 2.99 -34.74 -9.24
N ALA E 23 2.38 -35.77 -8.63
CA ALA E 23 2.47 -37.13 -9.17
C ALA E 23 1.95 -37.17 -10.62
N ASP E 24 0.84 -36.47 -10.88
CA ASP E 24 0.29 -36.43 -12.22
C ASP E 24 1.24 -35.70 -13.17
N ILE E 25 1.72 -34.53 -12.77
CA ILE E 25 2.52 -33.74 -13.68
C ILE E 25 3.89 -34.39 -13.88
N LEU E 26 4.46 -34.98 -12.83
CA LEU E 26 5.73 -35.68 -12.92
C LEU E 26 5.60 -36.90 -13.81
N GLY E 27 4.48 -37.62 -13.65
CA GLY E 27 4.15 -38.78 -14.46
C GLY E 27 4.08 -38.45 -15.94
N SER E 28 3.78 -37.20 -16.29
CA SER E 28 3.71 -36.77 -17.68
C SER E 28 5.08 -36.64 -18.35
N ASN E 29 6.15 -36.44 -17.55
CA ASN E 29 7.50 -36.19 -18.06
C ASN E 29 7.59 -34.94 -18.94
N ASP E 30 6.63 -34.03 -18.81
CA ASP E 30 6.67 -32.77 -19.53
C ASP E 30 7.36 -31.76 -18.63
N GLU E 31 8.52 -31.27 -19.08
CA GLU E 31 9.39 -30.42 -18.31
C GLU E 31 8.75 -29.05 -18.08
N LEU E 32 8.12 -28.54 -19.15
CA LEU E 32 7.51 -27.24 -19.12
C LEU E 32 6.38 -27.19 -18.10
N LEU E 33 5.57 -28.24 -18.05
CA LEU E 33 4.43 -28.31 -17.15
C LEU E 33 4.92 -28.40 -15.71
N LEU E 34 6.01 -29.14 -15.51
CA LEU E 34 6.54 -29.27 -14.17
C LEU E 34 6.98 -27.92 -13.64
N VAL E 35 7.71 -27.17 -14.47
CA VAL E 35 8.24 -25.89 -14.04
C VAL E 35 7.08 -24.92 -13.86
N ARG E 36 6.07 -25.01 -14.72
CA ARG E 36 4.92 -24.15 -14.57
C ARG E 36 4.20 -24.49 -13.26
N LEU E 37 4.05 -25.77 -12.96
CA LEU E 37 3.41 -26.16 -11.72
C LEU E 37 4.20 -25.62 -10.52
N SER E 39 6.22 -23.11 -10.28
CA SER E 39 6.10 -21.66 -10.18
C SER E 39 4.71 -21.28 -9.61
N ARG E 40 3.68 -22.06 -9.97
CA ARG E 40 2.36 -21.71 -9.52
C ARG E 40 2.16 -22.07 -8.05
N THR E 41 2.66 -23.22 -7.59
CA THR E 41 2.54 -23.58 -6.20
C THR E 41 3.74 -23.05 -5.44
N GLY E 42 3.63 -22.96 -4.14
CA GLY E 42 4.93 -22.76 -3.48
C GLY E 42 5.98 -23.83 -3.86
N PRO E 43 7.23 -23.79 -3.36
CA PRO E 43 7.80 -24.98 -2.76
C PRO E 43 6.83 -25.59 -1.74
N VAL E 44 6.48 -26.87 -1.91
CA VAL E 44 5.46 -27.54 -1.09
C VAL E 44 5.95 -28.93 -0.75
N LEU E 45 7.25 -29.08 -0.46
CA LEU E 45 7.86 -30.37 -0.23
C LEU E 45 7.20 -31.10 0.94
N GLU E 46 6.70 -30.34 1.93
CA GLU E 46 6.14 -30.89 3.16
C GLU E 46 4.79 -31.57 2.88
N GLN E 47 4.19 -31.32 1.71
CA GLN E 47 2.86 -31.78 1.41
C GLN E 47 2.89 -32.88 0.35
N LEU E 48 4.06 -33.48 0.15
CA LEU E 48 4.26 -34.49 -0.86
C LEU E 48 4.59 -35.80 -0.16
N SER E 49 4.15 -36.91 -0.74
CA SER E 49 4.56 -38.23 -0.30
C SER E 49 6.03 -38.43 -0.63
N ASP E 50 6.62 -39.45 -0.01
CA ASP E 50 8.03 -39.74 -0.12
C ASP E 50 8.37 -40.19 -1.54
N ALA E 51 7.44 -40.86 -2.19
CA ALA E 51 7.61 -41.32 -3.56
C ALA E 51 7.58 -40.14 -4.55
N THR E 52 6.61 -39.23 -4.37
CA THR E 52 6.50 -38.02 -5.18
C THR E 52 7.74 -37.17 -5.01
N LEU E 53 8.14 -37.00 -3.75
CA LEU E 53 9.30 -36.21 -3.36
C LEU E 53 10.56 -36.72 -4.05
N THR E 54 10.80 -38.03 -3.93
CA THR E 54 11.95 -38.68 -4.55
C THR E 54 11.95 -38.44 -6.06
N HIS E 55 10.79 -38.62 -6.70
CA HIS E 55 10.69 -38.40 -8.15
C HIS E 55 11.04 -36.94 -8.44
N LEU E 56 10.48 -36.00 -7.66
CA LEU E 56 10.70 -34.58 -7.90
C LEU E 56 12.17 -34.25 -7.71
N GLY E 58 14.82 -36.02 -8.34
CA GLY E 58 15.61 -36.36 -9.53
C GLY E 58 15.49 -35.28 -10.61
N ASN E 59 14.32 -34.66 -10.69
CA ASN E 59 14.10 -33.57 -11.62
C ASN E 59 14.86 -32.31 -11.19
N LEU E 60 14.82 -31.98 -9.91
CA LEU E 60 15.55 -30.81 -9.42
C LEU E 60 17.06 -31.01 -9.63
N LYS E 61 17.56 -32.22 -9.39
CA LYS E 61 18.96 -32.58 -9.68
C LYS E 61 19.26 -32.32 -11.15
N HIS E 62 18.36 -32.72 -12.06
CA HIS E 62 18.52 -32.47 -13.49
C HIS E 62 18.60 -30.97 -13.77
N PHE E 63 17.71 -30.19 -13.17
CA PHE E 63 17.77 -28.76 -13.42
C PHE E 63 19.10 -28.16 -12.95
N LEU E 64 19.63 -28.65 -11.81
CA LEU E 64 20.92 -28.19 -11.33
C LEU E 64 22.03 -28.55 -12.33
N GLN E 65 22.04 -29.80 -12.81
CA GLN E 65 23.04 -30.25 -13.79
C GLN E 65 22.95 -29.48 -15.11
N GLN E 66 21.78 -28.94 -15.45
CA GLN E 66 21.62 -28.19 -16.68
C GLN E 66 21.60 -26.69 -16.50
N GLN E 67 21.69 -26.17 -15.26
CA GLN E 67 21.63 -24.73 -15.02
C GLN E 67 20.35 -24.13 -15.58
N SER E 68 19.21 -24.81 -15.31
CA SER E 68 17.94 -24.45 -15.91
C SER E 68 17.01 -23.91 -14.85
N PHE E 69 16.44 -22.71 -15.10
CA PHE E 69 15.36 -22.19 -14.30
C PHE E 69 15.79 -22.01 -12.85
N LEU E 70 17.07 -21.71 -12.57
CA LEU E 70 17.55 -21.84 -11.20
C LEU E 70 16.89 -20.80 -10.31
N GLU E 71 16.44 -19.68 -10.84
CA GLU E 71 15.70 -18.71 -10.03
C GLU E 71 14.39 -19.29 -9.49
N CYS E 72 13.76 -20.16 -10.29
CA CYS E 72 12.53 -20.87 -9.95
C CYS E 72 12.85 -22.11 -9.10
N VAL E 73 14.02 -22.70 -9.26
CA VAL E 73 14.36 -23.98 -8.64
C VAL E 73 15.00 -23.79 -7.26
N ILE E 74 15.79 -22.72 -7.08
CA ILE E 74 16.63 -22.65 -5.90
C ILE E 74 15.78 -22.47 -4.63
N PRO E 75 14.60 -21.83 -4.64
CA PRO E 75 13.74 -21.83 -3.45
C PRO E 75 13.32 -23.21 -2.99
N TRP E 76 13.25 -24.18 -3.93
CA TRP E 76 12.95 -25.55 -3.56
C TRP E 76 14.10 -26.14 -2.75
N ILE E 77 15.34 -25.94 -3.18
CA ILE E 77 16.50 -26.44 -2.43
C ILE E 77 16.64 -25.68 -1.11
N GLN E 78 16.29 -24.40 -1.09
CA GLN E 78 16.22 -23.64 0.15
C GLN E 78 15.27 -24.34 1.13
N GLN E 79 14.10 -24.78 0.64
CA GLN E 79 13.16 -25.45 1.52
C GLN E 79 13.71 -26.78 2.00
N VAL E 80 14.46 -27.51 1.16
CA VAL E 80 15.08 -28.75 1.63
C VAL E 80 15.96 -28.40 2.83
N ALA E 81 16.85 -27.42 2.68
CA ALA E 81 17.76 -27.04 3.75
C ALA E 81 16.99 -26.51 4.97
N ASP E 82 15.97 -25.68 4.76
CA ASP E 82 15.17 -25.17 5.87
C ASP E 82 14.51 -26.30 6.66
N LEU E 83 13.92 -27.28 5.95
CA LEU E 83 13.23 -28.37 6.61
C LEU E 83 14.22 -29.23 7.40
N VAL E 84 15.42 -29.46 6.84
CA VAL E 84 16.44 -30.25 7.53
C VAL E 84 16.95 -29.53 8.80
N LEU E 85 17.16 -28.22 8.73
CA LEU E 85 17.57 -27.46 9.89
C LEU E 85 16.52 -27.52 10.99
N SER E 86 15.24 -27.42 10.64
CA SER E 86 14.20 -27.23 11.65
C SER E 86 13.58 -28.55 12.08
N ASN E 87 13.71 -29.62 11.28
CA ASN E 87 13.03 -30.87 11.57
C ASN E 87 14.01 -32.05 11.63
N GLY E 88 15.30 -31.81 11.38
CA GLY E 88 16.33 -32.86 11.49
C GLY E 88 16.67 -33.49 10.15
N PRO E 89 17.80 -34.25 10.05
CA PRO E 89 18.29 -34.78 8.78
C PRO E 89 17.35 -35.69 7.98
N ASN E 90 16.37 -36.29 8.66
CA ASN E 90 15.48 -37.21 8.00
C ASN E 90 14.12 -36.56 7.79
N ALA E 91 14.05 -35.24 7.96
CA ALA E 91 12.84 -34.45 7.75
C ALA E 91 12.13 -34.84 6.44
N LEU E 92 12.92 -35.14 5.40
CA LEU E 92 12.36 -35.50 4.10
C LEU E 92 12.69 -36.97 3.88
N GLY E 93 11.74 -37.74 3.35
CA GLY E 93 11.93 -39.17 3.24
C GLY E 93 12.82 -39.49 2.05
N LEU E 94 14.10 -39.10 2.17
CA LEU E 94 15.08 -39.28 1.10
C LEU E 94 16.06 -40.39 1.53
N THR E 95 16.44 -41.20 0.52
CA THR E 95 17.42 -42.26 0.70
C THR E 95 18.81 -41.63 0.93
N GLY E 96 19.77 -42.43 1.36
CA GLY E 96 21.15 -41.99 1.49
C GLY E 96 21.77 -41.62 0.13
N ASP E 97 21.35 -42.29 -0.93
CA ASP E 97 21.86 -42.05 -2.29
C ASP E 97 21.34 -40.73 -2.83
N SER E 98 20.02 -40.48 -2.66
CA SER E 98 19.41 -39.24 -3.08
C SER E 98 20.07 -38.05 -2.36
N LYS E 99 20.32 -38.21 -1.06
CA LYS E 99 20.98 -37.21 -0.24
C LYS E 99 22.36 -36.89 -0.79
N LYS E 100 23.16 -37.93 -1.04
CA LYS E 100 24.50 -37.78 -1.57
C LYS E 100 24.47 -37.16 -2.97
N ASP E 101 23.47 -37.55 -3.77
CA ASP E 101 23.42 -37.09 -5.14
C ASP E 101 23.04 -35.61 -5.19
N LEU E 102 22.13 -35.17 -4.31
CA LEU E 102 21.72 -33.78 -4.29
C LEU E 102 22.88 -32.88 -3.89
N VAL E 103 23.68 -33.30 -2.90
CA VAL E 103 24.84 -32.54 -2.47
C VAL E 103 25.85 -32.42 -3.62
N PHE E 104 26.09 -33.57 -4.30
CA PHE E 104 27.01 -33.57 -5.41
C PHE E 104 26.52 -32.68 -6.54
N ALA E 105 25.22 -32.75 -6.85
CA ALA E 105 24.64 -31.93 -7.92
C ALA E 105 24.76 -30.42 -7.59
N LEU E 106 24.65 -30.07 -6.32
CA LEU E 106 24.80 -28.67 -5.90
C LEU E 106 26.26 -28.22 -6.04
N GLN E 107 27.17 -29.07 -5.59
CA GLN E 107 28.60 -28.83 -5.73
C GLN E 107 28.96 -28.55 -7.18
N GLU E 108 28.48 -29.41 -8.10
CA GLU E 108 28.80 -29.23 -9.50
C GLU E 108 28.22 -27.92 -10.05
N ALA E 109 26.98 -27.58 -9.62
CA ALA E 109 26.34 -26.38 -10.16
C ALA E 109 27.07 -25.13 -9.69
N ALA E 110 27.80 -25.23 -8.56
CA ALA E 110 28.52 -24.08 -8.01
C ALA E 110 29.61 -23.53 -8.94
N SER E 111 30.13 -24.35 -9.89
CA SER E 111 31.18 -23.94 -10.81
C SER E 111 30.63 -23.36 -12.12
N ASP E 113 28.69 -20.70 -14.66
CA ASP E 113 28.64 -19.27 -14.82
C ASP E 113 27.18 -18.82 -14.74
N HIS E 114 26.74 -18.24 -13.62
CA HIS E 114 25.33 -17.93 -13.41
C HIS E 114 25.06 -16.45 -13.68
N ALA E 115 23.85 -16.11 -14.10
CA ALA E 115 23.55 -14.73 -14.46
C ALA E 115 23.38 -13.89 -13.21
N GLN E 116 22.83 -14.53 -12.18
CA GLN E 116 22.70 -13.90 -10.87
C GLN E 116 24.07 -13.98 -10.18
N SER E 117 24.53 -12.81 -9.73
CA SER E 117 25.76 -12.66 -8.98
C SER E 117 25.75 -13.41 -7.65
N TRP E 118 24.55 -13.61 -7.07
CA TRP E 118 24.41 -14.29 -5.79
C TRP E 118 24.18 -15.81 -5.93
N ALA E 120 25.79 -18.60 -7.33
CA ALA E 120 26.81 -19.58 -7.05
C ALA E 120 27.07 -19.67 -5.54
N ALA E 121 27.05 -18.50 -4.87
CA ALA E 121 27.22 -18.41 -3.41
C ALA E 121 26.08 -19.09 -2.69
N LYS E 122 24.86 -18.91 -3.17
CA LYS E 122 23.70 -19.57 -2.54
C LYS E 122 23.81 -21.08 -2.72
N ILE E 123 24.21 -21.53 -3.92
CA ILE E 123 24.36 -22.95 -4.15
C ILE E 123 25.43 -23.54 -3.27
N VAL E 124 26.57 -22.83 -3.13
CA VAL E 124 27.64 -23.36 -2.28
C VAL E 124 27.18 -23.38 -0.83
N GLU E 125 26.52 -22.33 -0.35
CA GLU E 125 26.00 -22.34 1.01
C GLU E 125 25.11 -23.56 1.26
N LEU E 126 24.16 -23.81 0.34
CA LEU E 126 23.24 -24.93 0.50
C LEU E 126 23.99 -26.25 0.43
N ALA E 127 24.93 -26.38 -0.51
CA ALA E 127 25.73 -27.60 -0.59
C ALA E 127 26.42 -27.88 0.75
N GLU E 128 26.95 -26.83 1.38
CA GLU E 128 27.70 -27.01 2.63
C GLU E 128 26.77 -27.32 3.82
N GLN E 129 25.61 -26.67 3.89
CA GLN E 129 24.63 -27.01 4.92
C GLN E 129 24.16 -28.46 4.79
N LEU E 130 23.89 -28.93 3.56
CA LEU E 130 23.33 -30.27 3.41
C LEU E 130 24.42 -31.30 3.59
N ARG E 131 25.66 -30.97 3.20
CA ARG E 131 26.78 -31.86 3.42
C ARG E 131 27.01 -32.06 4.92
N SER E 132 27.02 -30.94 5.65
CA SER E 132 27.14 -30.96 7.10
C SER E 132 26.05 -31.84 7.74
N ALA E 133 24.80 -31.66 7.29
CA ALA E 133 23.67 -32.32 7.94
C ALA E 133 23.58 -33.80 7.60
N TRP E 134 24.19 -34.24 6.48
CA TRP E 134 23.97 -35.58 5.97
C TRP E 134 25.23 -36.43 5.82
N LEU E 135 26.41 -35.84 5.55
CA LEU E 135 27.48 -36.61 4.88
C LEU E 135 28.73 -36.77 5.76
N LEU F 5 20.79 -26.14 -31.26
CA LEU F 5 20.46 -24.72 -31.26
C LEU F 5 20.88 -24.06 -29.93
N TRP F 6 20.77 -24.84 -28.85
CA TRP F 6 21.19 -24.40 -27.53
C TRP F 6 22.68 -24.03 -27.54
N SER F 7 23.54 -24.93 -28.06
CA SER F 7 24.99 -24.71 -28.09
C SER F 7 25.33 -23.49 -28.94
N GLN F 8 24.62 -23.33 -30.06
CA GLN F 8 24.81 -22.16 -30.92
C GLN F 8 24.46 -20.87 -30.14
N ALA F 9 23.36 -20.91 -29.37
CA ALA F 9 22.96 -19.77 -28.56
C ALA F 9 23.99 -19.43 -27.48
N GLU F 11 27.14 -20.11 -27.57
CA GLU F 11 28.26 -19.46 -28.23
C GLU F 11 28.05 -17.96 -28.34
N SER F 12 26.87 -17.53 -28.83
CA SER F 12 26.61 -16.10 -28.91
C SER F 12 26.63 -15.45 -27.51
N VAL F 13 26.11 -16.17 -26.50
CA VAL F 13 26.10 -15.66 -25.13
C VAL F 13 27.54 -15.47 -24.64
N ARG F 14 28.40 -16.47 -24.87
CA ARG F 14 29.80 -16.35 -24.48
C ARG F 14 30.44 -15.14 -25.16
N ALA F 15 30.06 -14.84 -26.41
CA ALA F 15 30.60 -13.68 -27.10
C ALA F 15 29.91 -12.38 -26.68
N SER F 16 29.04 -12.43 -25.65
CA SER F 16 28.24 -11.27 -25.24
C SER F 16 27.34 -10.73 -26.36
N ASP F 17 26.99 -11.58 -27.33
CA ASP F 17 26.03 -11.15 -28.37
C ASP F 17 24.63 -11.66 -28.00
N PHE F 18 24.03 -10.95 -27.04
CA PHE F 18 22.72 -11.33 -26.52
C PHE F 18 21.65 -11.17 -27.59
N ASP F 19 21.80 -10.12 -28.41
CA ASP F 19 20.83 -9.83 -29.44
C ASP F 19 20.65 -11.04 -30.37
N LEU F 20 21.77 -11.68 -30.72
CA LEU F 20 21.73 -12.82 -31.62
C LEU F 20 21.26 -14.10 -30.91
N ALA F 21 21.70 -14.30 -29.67
CA ALA F 21 21.22 -15.43 -28.89
C ALA F 21 19.69 -15.39 -28.84
N TYR F 22 19.12 -14.21 -28.54
CA TYR F 22 17.67 -14.06 -28.42
C TYR F 22 17.00 -14.22 -29.78
N ALA F 23 17.51 -13.54 -30.82
CA ALA F 23 16.93 -13.65 -32.15
C ALA F 23 16.88 -15.11 -32.61
N ASP F 24 17.97 -15.85 -32.39
CA ASP F 24 18.00 -17.25 -32.76
C ASP F 24 16.98 -18.06 -31.96
N ILE F 25 16.95 -17.87 -30.64
CA ILE F 25 16.09 -18.71 -29.84
C ILE F 25 14.63 -18.33 -30.07
N LEU F 26 14.35 -17.04 -30.20
CA LEU F 26 13.00 -16.55 -30.45
C LEU F 26 12.51 -17.05 -31.81
N GLY F 27 13.41 -17.03 -32.80
CA GLY F 27 13.17 -17.54 -34.14
C GLY F 27 12.77 -19.02 -34.13
N SER F 28 13.21 -19.78 -33.12
CA SER F 28 12.87 -21.19 -33.01
C SER F 28 11.42 -21.44 -32.56
N ASN F 29 10.83 -20.45 -31.87
CA ASN F 29 9.50 -20.56 -31.24
C ASN F 29 9.38 -21.70 -30.25
N ASP F 30 10.52 -22.14 -29.71
CA ASP F 30 10.51 -23.17 -28.69
C ASP F 30 10.46 -22.48 -27.33
N GLU F 31 9.38 -22.72 -26.60
CA GLU F 31 9.08 -22.08 -25.33
C GLU F 31 10.11 -22.45 -24.26
N LEU F 32 10.43 -23.75 -24.22
CA LEU F 32 11.35 -24.29 -23.25
C LEU F 32 12.73 -23.64 -23.37
N LEU F 33 13.19 -23.49 -24.61
CA LEU F 33 14.51 -22.95 -24.87
C LEU F 33 14.55 -21.48 -24.50
N LEU F 34 13.44 -20.79 -24.76
CA LEU F 34 13.41 -19.37 -24.45
C LEU F 34 13.55 -19.18 -22.94
N VAL F 35 12.78 -19.94 -22.17
CA VAL F 35 12.79 -19.77 -20.73
C VAL F 35 14.17 -20.21 -20.19
N ARG F 36 14.75 -21.25 -20.79
CA ARG F 36 16.07 -21.68 -20.39
C ARG F 36 17.08 -20.58 -20.70
N LEU F 37 17.00 -19.97 -21.89
CA LEU F 37 17.91 -18.90 -22.25
C LEU F 37 17.77 -17.72 -21.27
N SER F 39 16.75 -17.69 -18.18
CA SER F 39 17.30 -18.05 -16.90
C SER F 39 18.84 -18.05 -16.94
N ARG F 40 19.41 -18.41 -18.09
CA ARG F 40 20.86 -18.47 -18.17
C ARG F 40 21.46 -17.07 -18.31
N THR F 41 20.86 -16.18 -19.08
CA THR F 41 21.36 -14.83 -19.19
C THR F 41 20.70 -13.98 -18.12
N GLY F 42 21.25 -12.83 -17.80
CA GLY F 42 20.36 -11.97 -17.01
C GLY F 42 18.99 -11.72 -17.69
N PRO F 43 18.06 -10.95 -17.10
CA PRO F 43 17.43 -9.88 -17.87
C PRO F 43 18.50 -9.02 -18.56
N VAL F 44 18.42 -8.89 -19.89
CA VAL F 44 19.42 -8.18 -20.69
C VAL F 44 18.73 -7.32 -21.74
N LEU F 45 17.62 -6.70 -21.36
CA LEU F 45 16.79 -5.93 -22.28
C LEU F 45 17.58 -4.80 -22.96
N GLU F 46 18.57 -4.26 -22.25
CA GLU F 46 19.33 -3.10 -22.70
C GLU F 46 20.26 -3.51 -23.86
N GLN F 47 20.48 -4.81 -24.07
CA GLN F 47 21.46 -5.28 -25.02
C GLN F 47 20.78 -5.92 -26.23
N LEU F 48 19.48 -5.64 -26.40
CA LEU F 48 18.71 -6.21 -27.48
C LEU F 48 18.34 -5.11 -28.48
N SER F 49 18.30 -5.46 -29.77
CA SER F 49 17.75 -4.58 -30.78
C SER F 49 16.24 -4.41 -30.55
N ASP F 50 15.66 -3.40 -31.21
CA ASP F 50 14.28 -3.04 -30.99
C ASP F 50 13.34 -4.14 -31.53
N ALA F 51 13.79 -4.82 -32.59
CA ALA F 51 13.02 -5.91 -33.17
C ALA F 51 13.04 -7.14 -32.26
N THR F 52 14.22 -7.49 -31.73
CA THR F 52 14.36 -8.60 -30.79
C THR F 52 13.55 -8.33 -29.53
N LEU F 53 13.67 -7.10 -29.02
CA LEU F 53 12.98 -6.64 -27.84
C LEU F 53 11.47 -6.80 -27.99
N THR F 54 10.93 -6.28 -29.11
CA THR F 54 9.50 -6.38 -29.40
C THR F 54 9.06 -7.83 -29.44
N HIS F 55 9.82 -8.69 -30.12
CA HIS F 55 9.50 -10.11 -30.21
C HIS F 55 9.50 -10.70 -28.80
N LEU F 56 10.51 -10.37 -27.98
CA LEU F 56 10.60 -10.94 -26.65
C LEU F 56 9.43 -10.47 -25.81
N GLY F 58 6.40 -9.71 -26.63
CA GLY F 58 5.18 -10.43 -26.93
C GLY F 58 5.12 -11.76 -26.18
N ASN F 59 6.28 -12.39 -26.03
CA ASN F 59 6.37 -13.65 -25.29
C ASN F 59 6.18 -13.40 -23.79
N LEU F 60 6.80 -12.35 -23.24
CA LEU F 60 6.66 -12.05 -21.83
C LEU F 60 5.19 -11.71 -21.50
N LYS F 61 4.54 -10.96 -22.41
CA LYS F 61 3.11 -10.66 -22.29
C LYS F 61 2.32 -11.96 -22.26
N HIS F 62 2.63 -12.92 -23.14
CA HIS F 62 2.00 -14.23 -23.12
C HIS F 62 2.16 -14.94 -21.78
N PHE F 63 3.38 -14.93 -21.26
CA PHE F 63 3.58 -15.56 -19.97
C PHE F 63 2.76 -14.91 -18.85
N LEU F 64 2.62 -13.59 -18.91
CA LEU F 64 1.80 -12.87 -17.94
C LEU F 64 0.33 -13.26 -18.07
N GLN F 65 -0.19 -13.30 -19.30
CA GLN F 65 -1.57 -13.70 -19.56
C GLN F 65 -1.84 -15.14 -19.12
N GLN F 66 -0.81 -16.00 -19.11
CA GLN F 66 -1.01 -17.38 -18.72
C GLN F 66 -0.55 -17.70 -17.30
N GLN F 67 0.00 -16.73 -16.55
CA GLN F 67 0.48 -16.97 -15.19
C GLN F 67 1.55 -18.06 -15.17
N SER F 68 2.49 -17.98 -16.12
CA SER F 68 3.48 -19.03 -16.31
C SER F 68 4.85 -18.48 -15.94
N PHE F 69 5.58 -19.23 -15.09
CA PHE F 69 7.00 -18.99 -14.86
C PHE F 69 7.22 -17.61 -14.25
N LEU F 70 6.28 -17.10 -13.45
CA LEU F 70 6.32 -15.67 -13.11
C LEU F 70 7.51 -15.37 -12.21
N GLU F 71 8.01 -16.34 -11.45
CA GLU F 71 9.23 -16.12 -10.67
C GLU F 71 10.44 -15.85 -11.57
N CYS F 72 10.46 -16.49 -12.74
CA CYS F 72 11.52 -16.35 -13.75
C CYS F 72 11.24 -15.11 -14.62
N VAL F 73 9.98 -14.72 -14.78
CA VAL F 73 9.59 -13.66 -15.72
C VAL F 73 9.61 -12.30 -15.04
N ILE F 74 9.28 -12.23 -13.75
CA ILE F 74 9.03 -10.94 -13.14
C ILE F 74 10.31 -10.13 -13.05
N PRO F 75 11.52 -10.67 -12.86
CA PRO F 75 12.73 -9.83 -12.93
C PRO F 75 12.92 -9.15 -14.29
N TRP F 76 12.38 -9.74 -15.36
CA TRP F 76 12.41 -9.06 -16.65
C TRP F 76 11.53 -7.79 -16.67
N ILE F 77 10.32 -7.89 -16.12
CA ILE F 77 9.45 -6.73 -15.99
C ILE F 77 10.05 -5.74 -14.99
N GLN F 78 10.71 -6.22 -13.94
CA GLN F 78 11.43 -5.34 -13.01
C GLN F 78 12.43 -4.50 -13.79
N GLN F 79 13.17 -5.13 -14.71
CA GLN F 79 14.14 -4.36 -15.47
C GLN F 79 13.44 -3.33 -16.38
N VAL F 80 12.29 -3.68 -16.96
CA VAL F 80 11.56 -2.69 -17.73
C VAL F 80 11.28 -1.47 -16.85
N ALA F 81 10.69 -1.69 -15.67
CA ALA F 81 10.34 -0.59 -14.78
C ALA F 81 11.59 0.14 -14.30
N ASP F 82 12.67 -0.57 -13.95
CA ASP F 82 13.90 0.10 -13.55
C ASP F 82 14.43 1.03 -14.64
N LEU F 83 14.44 0.54 -15.89
CA LEU F 83 15.00 1.32 -16.99
C LEU F 83 14.12 2.55 -17.24
N VAL F 84 12.80 2.40 -17.13
CA VAL F 84 11.87 3.51 -17.33
C VAL F 84 12.03 4.59 -16.26
N LEU F 85 12.20 4.17 -14.99
CA LEU F 85 12.42 5.12 -13.91
C LEU F 85 13.71 5.90 -14.14
N SER F 86 14.79 5.23 -14.56
CA SER F 86 16.09 5.87 -14.56
C SER F 86 16.41 6.54 -15.91
N ASN F 87 15.73 6.14 -16.99
CA ASN F 87 16.09 6.61 -18.33
C ASN F 87 14.90 7.23 -19.06
N GLY F 88 13.71 7.23 -18.44
CA GLY F 88 12.54 7.88 -19.01
C GLY F 88 11.61 6.89 -19.74
N PRO F 89 10.37 7.32 -20.07
CA PRO F 89 9.36 6.45 -20.68
C PRO F 89 9.72 5.76 -21.99
N ASN F 90 10.70 6.29 -22.72
CA ASN F 90 11.03 5.73 -24.02
C ASN F 90 12.34 4.96 -23.92
N ALA F 91 12.81 4.69 -22.68
CA ALA F 91 14.05 3.97 -22.45
C ALA F 91 14.16 2.70 -23.30
N LEU F 92 13.02 2.02 -23.50
CA LEU F 92 13.00 0.81 -24.31
C LEU F 92 12.19 1.11 -25.57
N GLY F 93 12.65 0.62 -26.72
CA GLY F 93 12.08 1.06 -27.98
C GLY F 93 10.76 0.36 -28.23
N LEU F 94 9.74 0.62 -27.40
CA LEU F 94 8.47 -0.08 -27.48
C LEU F 94 7.37 0.80 -28.10
N THR F 95 6.49 0.15 -28.88
CA THR F 95 5.33 0.81 -29.48
C THR F 95 4.32 1.17 -28.40
N GLY F 96 3.36 2.04 -28.74
CA GLY F 96 2.32 2.43 -27.81
C GLY F 96 1.38 1.27 -27.49
N ASP F 97 1.20 0.34 -28.45
CA ASP F 97 0.31 -0.80 -28.28
C ASP F 97 0.94 -1.81 -27.32
N SER F 98 2.24 -2.09 -27.52
CA SER F 98 2.97 -2.99 -26.65
C SER F 98 2.97 -2.46 -25.22
N LYS F 99 3.17 -1.15 -25.05
CA LYS F 99 3.14 -0.49 -23.75
C LYS F 99 1.79 -0.70 -23.07
N LYS F 100 0.71 -0.44 -23.79
CA LYS F 100 -0.64 -0.60 -23.27
C LYS F 100 -0.93 -2.07 -22.96
N ASP F 101 -0.43 -2.97 -23.82
CA ASP F 101 -0.71 -4.39 -23.66
C ASP F 101 0.03 -4.95 -22.46
N LEU F 102 1.26 -4.50 -22.21
CA LEU F 102 2.04 -4.97 -21.08
C LEU F 102 1.37 -4.56 -19.78
N VAL F 103 0.88 -3.32 -19.70
CA VAL F 103 0.20 -2.85 -18.51
C VAL F 103 -1.06 -3.68 -18.28
N PHE F 104 -1.84 -3.90 -19.35
CA PHE F 104 -3.07 -4.67 -19.23
C PHE F 104 -2.75 -6.10 -18.78
N ALA F 105 -1.72 -6.72 -19.37
CA ALA F 105 -1.33 -8.08 -19.00
C ALA F 105 -0.91 -8.16 -17.51
N LEU F 106 -0.24 -7.13 -17.00
CA LEU F 106 0.18 -7.07 -15.60
C LEU F 106 -1.05 -6.92 -14.68
N GLN F 107 -1.96 -6.02 -15.06
CA GLN F 107 -3.21 -5.85 -14.35
C GLN F 107 -3.97 -7.17 -14.26
N GLU F 108 -4.10 -7.91 -15.37
CA GLU F 108 -4.83 -9.18 -15.32
C GLU F 108 -4.13 -10.18 -14.41
N ALA F 109 -2.78 -10.22 -14.47
CA ALA F 109 -2.03 -11.17 -13.64
C ALA F 109 -2.20 -10.86 -12.17
N ALA F 110 -2.54 -9.61 -11.81
CA ALA F 110 -2.67 -9.21 -10.41
C ALA F 110 -3.79 -9.94 -9.66
N SER F 111 -4.83 -10.43 -10.41
CA SER F 111 -5.97 -11.13 -9.81
C SER F 111 -5.77 -12.63 -9.73
N ASP F 113 -4.20 -16.26 -8.50
CA ASP F 113 -3.81 -16.88 -7.26
C ASP F 113 -2.32 -17.24 -7.31
N HIS F 114 -1.46 -16.48 -6.63
CA HIS F 114 -0.03 -16.71 -6.70
C HIS F 114 0.40 -17.43 -5.43
N ALA F 115 1.35 -18.35 -5.54
CA ALA F 115 1.81 -19.10 -4.39
C ALA F 115 2.72 -18.23 -3.54
N GLN F 116 3.45 -17.34 -4.21
CA GLN F 116 4.33 -16.39 -3.55
C GLN F 116 3.46 -15.24 -3.03
N SER F 117 3.56 -15.01 -1.71
CA SER F 117 2.78 -14.01 -1.00
C SER F 117 3.03 -12.59 -1.52
N TRP F 118 4.22 -12.34 -2.05
CA TRP F 118 4.66 -11.02 -2.50
C TRP F 118 4.38 -10.81 -3.99
N ALA F 120 1.59 -10.86 -6.13
CA ALA F 120 0.49 -10.01 -6.59
C ALA F 120 0.81 -8.53 -6.36
N ALA F 121 1.45 -8.25 -5.22
CA ALA F 121 1.87 -6.90 -4.84
C ALA F 121 2.93 -6.40 -5.80
N LYS F 122 3.89 -7.25 -6.16
CA LYS F 122 4.94 -6.83 -7.08
C LYS F 122 4.34 -6.56 -8.45
N ILE F 123 3.42 -7.41 -8.90
CA ILE F 123 2.78 -7.21 -10.20
C ILE F 123 1.98 -5.92 -10.20
N VAL F 124 1.26 -5.65 -9.10
CA VAL F 124 0.47 -4.42 -9.05
C VAL F 124 1.41 -3.23 -9.00
N GLU F 125 2.47 -3.27 -8.22
CA GLU F 125 3.41 -2.17 -8.15
C GLU F 125 3.96 -1.84 -9.54
N LEU F 126 4.38 -2.88 -10.28
CA LEU F 126 4.94 -2.65 -11.61
C LEU F 126 3.85 -2.14 -12.56
N ALA F 127 2.65 -2.71 -12.50
CA ALA F 127 1.56 -2.24 -13.34
C ALA F 127 1.31 -0.75 -13.11
N GLU F 128 1.39 -0.31 -11.85
CA GLU F 128 1.07 1.07 -11.50
C GLU F 128 2.21 2.00 -11.93
N GLN F 129 3.47 1.59 -11.74
CA GLN F 129 4.58 2.40 -12.24
C GLN F 129 4.52 2.55 -13.76
N LEU F 130 4.22 1.48 -14.49
CA LEU F 130 4.29 1.55 -15.95
C LEU F 130 3.06 2.29 -16.47
N ARG F 131 1.92 2.15 -15.79
CA ARG F 131 0.72 2.88 -16.17
C ARG F 131 0.95 4.37 -16.00
N SER F 132 1.49 4.75 -14.85
CA SER F 132 1.87 6.13 -14.56
C SER F 132 2.81 6.67 -15.64
N ALA F 133 3.83 5.89 -16.03
CA ALA F 133 4.87 6.37 -16.93
C ALA F 133 4.38 6.49 -18.36
N TRP F 134 3.33 5.74 -18.74
CA TRP F 134 2.99 5.56 -20.15
C TRP F 134 1.56 6.06 -20.49
N LEU F 135 1.47 6.95 -21.50
CA LEU F 135 0.26 7.72 -21.83
C LEU F 135 -0.94 6.77 -21.94
#